data_3ZXP
#
_entry.id   3ZXP
#
_cell.length_a   228.064
_cell.length_b   67.164
_cell.length_c   103.865
_cell.angle_alpha   90.00
_cell.angle_beta   96.95
_cell.angle_gamma   90.00
#
_symmetry.space_group_name_H-M   'C 1 2 1'
#
loop_
_entity.id
_entity.type
_entity.pdbx_description
1 polymer 'BRO1 DOMAIN-CONTAINING PROTEIN BROX'
2 water water
#
_entity_poly.entity_id   1
_entity_poly.type   'polypeptide(L)'
_entity_poly.pdbx_seq_one_letter_code
;GIDPFTMTHWFHRNPLKATAPVSFNYYGVVTGPSASKICNDLRSSRARLLELFTDLSCNPEMMKNAADSYFSLLQGFINS
LDESTQESKLRYIQNFKWTDTLQGQVPSAQQDAVFELISMGFNVALWYTKYASRLAGKENITEDEAKEVHRSLKIAAGIF
KHLKESHLPKLITPAEKGRDLESRLIEAYVIQCQAEAQEVTIARAIELKHAPGLIAALAYETANFYQKADHTLSSLEPAY
SAKWRKYLHLKMCFYTAYAYCYHGETLLASDKCGEAIRSLQEAEKLYAKAEALCKEYGETKGPGPTVKPSGHLFFRKLGN
LVKNTLEKCQRENGFIYFQKIPTEAPQLELKANYGLVEPIPFEFPPTSVQWTPETLAAFDLTKRPKDDSTKPKPEEEVKP
VKEPDIK
;
_entity_poly.pdbx_strand_id   A,B,C
#
# COMPACT_ATOMS: atom_id res chain seq x y z
N ASP A 3 17.26 -5.40 9.30
CA ASP A 3 17.90 -6.24 8.29
C ASP A 3 17.51 -7.72 8.42
N PRO A 4 16.68 -8.20 7.48
CA PRO A 4 16.24 -9.60 7.45
C PRO A 4 16.71 -10.39 6.21
N PHE A 5 17.93 -10.93 6.23
CA PHE A 5 18.44 -11.78 5.16
C PHE A 5 18.83 -11.05 3.86
N THR A 6 18.87 -9.72 3.89
CA THR A 6 19.05 -8.96 2.66
C THR A 6 20.52 -8.77 2.26
N MET A 7 21.43 -9.09 3.18
CA MET A 7 22.85 -8.88 2.92
C MET A 7 23.60 -10.11 2.41
N THR A 8 22.89 -11.10 1.88
CA THR A 8 23.55 -12.24 1.28
C THR A 8 24.09 -11.89 -0.10
N HIS A 9 25.40 -11.96 -0.25
CA HIS A 9 26.05 -11.64 -1.51
C HIS A 9 27.19 -12.60 -1.78
N TRP A 10 27.65 -12.60 -3.03
CA TRP A 10 28.85 -13.32 -3.40
C TRP A 10 29.76 -12.45 -4.26
N PHE A 11 30.94 -12.15 -3.72
CA PHE A 11 31.88 -11.28 -4.41
C PHE A 11 33.18 -12.02 -4.73
N HIS A 12 33.56 -12.05 -6.01
CA HIS A 12 34.87 -12.55 -6.37
C HIS A 12 35.92 -11.58 -5.88
N ARG A 13 37.06 -12.12 -5.46
CA ARG A 13 38.16 -11.32 -4.95
C ARG A 13 39.49 -11.87 -5.42
N ASN A 14 40.34 -10.98 -5.91
CA ASN A 14 41.69 -11.35 -6.28
C ASN A 14 42.60 -11.22 -5.08
N PRO A 15 43.75 -11.90 -5.10
CA PRO A 15 44.60 -11.90 -3.90
C PRO A 15 45.19 -10.53 -3.60
N LEU A 16 45.47 -10.27 -2.32
CA LEU A 16 46.14 -9.05 -1.92
C LEU A 16 47.51 -8.94 -2.59
N LYS A 17 48.07 -7.73 -2.60
CA LYS A 17 49.44 -7.55 -3.07
C LYS A 17 50.40 -7.85 -1.91
N ALA A 18 51.56 -8.39 -2.23
CA ALA A 18 52.59 -8.67 -1.23
C ALA A 18 53.84 -7.83 -1.52
N THR A 19 54.57 -7.47 -0.48
CA THR A 19 55.74 -6.60 -0.66
C THR A 19 56.95 -7.06 0.15
N ALA A 20 58.15 -6.71 -0.33
CA ALA A 20 59.35 -6.95 0.45
C ALA A 20 59.45 -5.90 1.54
N PRO A 21 59.79 -6.32 2.75
CA PRO A 21 59.91 -5.37 3.87
C PRO A 21 60.97 -4.31 3.61
N VAL A 22 60.75 -3.12 4.15
CA VAL A 22 61.69 -2.01 3.98
C VAL A 22 62.13 -1.49 5.33
N SER A 23 63.45 -1.38 5.52
CA SER A 23 64.01 -0.93 6.78
C SER A 23 64.01 0.58 6.93
N PHE A 24 64.01 1.28 5.80
CA PHE A 24 64.23 2.73 5.79
C PHE A 24 65.57 3.03 6.46
N ASN A 25 66.58 2.23 6.11
CA ASN A 25 67.92 2.32 6.67
C ASN A 25 68.89 2.96 5.67
N TYR A 26 69.43 4.12 6.03
CA TYR A 26 70.38 4.80 5.14
C TYR A 26 71.63 5.21 5.91
N TYR A 27 72.59 4.29 5.93
CA TYR A 27 73.76 4.39 6.81
C TYR A 27 74.39 5.78 6.90
N GLY A 28 75.14 6.17 5.86
CA GLY A 28 75.84 7.45 5.91
C GLY A 28 74.94 8.67 5.85
N VAL A 29 73.80 8.53 5.18
CA VAL A 29 72.93 9.67 4.87
C VAL A 29 72.22 10.32 6.06
N VAL A 30 71.91 9.54 7.09
CA VAL A 30 71.04 10.04 8.15
C VAL A 30 71.77 10.37 9.45
N THR A 31 71.51 11.56 9.97
CA THR A 31 72.17 12.03 11.19
C THR A 31 71.18 12.69 12.14
N GLY A 32 71.38 12.46 13.44
CA GLY A 32 70.59 13.13 14.46
C GLY A 32 69.35 12.39 14.90
N PRO A 33 68.70 12.89 15.96
CA PRO A 33 67.46 12.30 16.49
C PRO A 33 66.27 12.51 15.55
N SER A 34 66.04 13.74 15.09
CA SER A 34 64.89 14.04 14.25
C SER A 34 64.83 13.16 13.00
N ALA A 35 65.93 13.12 12.26
CA ALA A 35 65.98 12.40 10.99
C ALA A 35 65.95 10.88 11.16
N SER A 36 66.59 10.39 12.21
CA SER A 36 66.62 8.96 12.47
C SER A 36 65.27 8.47 13.00
N LYS A 37 64.58 9.34 13.74
CA LYS A 37 63.24 9.05 14.24
C LYS A 37 62.27 8.78 13.08
N ILE A 38 62.22 9.71 12.14
CA ILE A 38 61.34 9.58 10.97
C ILE A 38 61.57 8.27 10.20
N CYS A 39 62.82 7.84 10.11
CA CYS A 39 63.12 6.56 9.46
C CYS A 39 62.60 5.39 10.29
N ASN A 40 62.61 5.54 11.61
CA ASN A 40 62.02 4.53 12.48
C ASN A 40 60.50 4.60 12.43
N ASP A 41 59.97 5.81 12.30
CA ASP A 41 58.53 6.01 12.23
C ASP A 41 57.98 5.54 10.88
N LEU A 42 58.73 5.78 9.81
CA LEU A 42 58.39 5.18 8.51
C LEU A 42 58.39 3.66 8.63
N ARG A 43 59.46 3.13 9.20
CA ARG A 43 59.65 1.68 9.28
C ARG A 43 58.55 0.96 10.04
N SER A 44 58.33 1.38 11.28
CA SER A 44 57.31 0.76 12.11
C SER A 44 55.94 0.98 11.48
N SER A 45 55.72 2.17 10.92
CA SER A 45 54.45 2.54 10.33
C SER A 45 54.07 1.65 9.14
N ARG A 46 55.02 1.40 8.27
CA ARG A 46 54.77 0.54 7.12
C ARG A 46 54.51 -0.90 7.57
N ALA A 47 55.32 -1.37 8.51
CA ALA A 47 55.21 -2.73 9.02
C ALA A 47 53.84 -2.98 9.63
N ARG A 48 53.42 -2.05 10.49
CA ARG A 48 52.12 -2.13 11.15
C ARG A 48 50.96 -2.18 10.14
N LEU A 49 51.02 -1.32 9.14
CA LEU A 49 49.97 -1.29 8.12
C LEU A 49 49.88 -2.61 7.36
N LEU A 50 51.03 -3.18 6.99
CA LEU A 50 51.05 -4.41 6.22
C LEU A 50 50.48 -5.61 6.98
N GLU A 51 50.66 -5.63 8.30
CA GLU A 51 50.16 -6.76 9.08
C GLU A 51 48.66 -6.67 9.33
N LEU A 52 48.12 -5.45 9.24
CA LEU A 52 46.68 -5.23 9.41
C LEU A 52 45.86 -5.83 8.28
N PHE A 53 46.45 -5.89 7.09
CA PHE A 53 45.76 -6.45 5.92
C PHE A 53 45.22 -7.86 6.16
N THR A 54 46.01 -8.70 6.82
CA THR A 54 45.61 -10.07 7.11
C THR A 54 45.23 -10.28 8.59
N ASP A 55 44.89 -9.19 9.26
CA ASP A 55 44.44 -9.24 10.65
C ASP A 55 42.91 -9.13 10.68
N LEU A 56 42.24 -10.25 10.95
CA LEU A 56 40.77 -10.28 10.95
C LEU A 56 40.16 -9.29 11.92
N SER A 57 40.98 -8.76 12.81
CA SER A 57 40.48 -7.84 13.83
C SER A 57 40.29 -6.44 13.26
N CYS A 58 40.88 -6.20 12.09
CA CYS A 58 41.01 -4.84 11.57
C CYS A 58 39.68 -4.15 11.24
N ASN A 59 39.54 -2.94 11.79
CA ASN A 59 38.42 -2.04 11.52
C ASN A 59 38.76 -1.07 10.40
N PRO A 60 37.74 -0.54 9.72
CA PRO A 60 37.99 0.59 8.82
C PRO A 60 38.63 1.73 9.61
N GLU A 61 38.21 1.92 10.86
CA GLU A 61 38.82 2.92 11.73
C GLU A 61 40.32 2.67 11.92
N MET A 62 40.68 1.45 12.33
CA MET A 62 42.09 1.08 12.51
C MET A 62 42.85 1.20 11.19
N MET A 63 42.24 0.75 10.11
CA MET A 63 42.86 0.81 8.79
C MET A 63 43.15 2.26 8.40
N LYS A 64 42.16 3.12 8.59
CA LYS A 64 42.29 4.52 8.24
C LYS A 64 43.41 5.18 9.03
N ASN A 65 43.54 4.81 10.30
CA ASN A 65 44.60 5.35 11.15
C ASN A 65 45.98 4.88 10.74
N ALA A 66 46.13 3.57 10.52
CA ALA A 66 47.42 3.03 10.09
C ALA A 66 47.83 3.60 8.74
N ALA A 67 46.86 3.79 7.85
CA ALA A 67 47.15 4.31 6.51
C ALA A 67 47.63 5.76 6.56
N ASP A 68 46.91 6.60 7.31
CA ASP A 68 47.30 8.00 7.45
C ASP A 68 48.70 8.14 8.02
N SER A 69 48.99 7.34 9.05
CA SER A 69 50.30 7.41 9.72
C SER A 69 51.43 7.14 8.75
N TYR A 70 51.36 6.02 8.05
CA TYR A 70 52.40 5.69 7.09
C TYR A 70 52.44 6.68 5.93
N PHE A 71 51.30 6.91 5.30
CA PHE A 71 51.23 7.78 4.12
C PHE A 71 51.71 9.21 4.33
N SER A 72 51.39 9.80 5.49
CA SER A 72 51.82 11.15 5.80
C SER A 72 53.34 11.20 5.91
N LEU A 73 53.92 10.12 6.40
CA LEU A 73 55.37 10.02 6.50
C LEU A 73 55.98 9.81 5.12
N LEU A 74 55.34 8.98 4.30
CA LEU A 74 55.86 8.69 2.97
C LEU A 74 55.81 9.91 2.04
N GLN A 75 54.82 10.77 2.25
CA GLN A 75 54.68 12.00 1.48
C GLN A 75 55.98 12.80 1.46
N GLY A 76 56.77 12.68 2.52
CA GLY A 76 58.02 13.41 2.63
C GLY A 76 59.05 12.99 1.60
N PHE A 77 58.89 11.79 1.07
CA PHE A 77 59.77 11.29 0.02
C PHE A 77 59.29 11.74 -1.35
N ILE A 78 58.11 12.36 -1.40
CA ILE A 78 57.50 12.72 -2.67
C ILE A 78 57.27 14.22 -2.81
N ASN A 79 56.56 14.78 -1.85
CA ASN A 79 56.18 16.19 -1.88
C ASN A 79 57.25 17.10 -1.28
N SER A 80 57.33 18.32 -1.82
CA SER A 80 58.23 19.33 -1.32
C SER A 80 57.67 19.94 -0.05
N LEU A 81 58.54 20.53 0.77
CA LEU A 81 58.09 21.27 1.94
C LEU A 81 57.99 22.75 1.58
N ASP A 82 58.68 23.13 0.51
CA ASP A 82 58.77 24.52 0.06
C ASP A 82 57.43 25.14 -0.28
N GLU A 83 56.55 24.36 -0.89
CA GLU A 83 55.39 24.89 -1.59
C GLU A 83 55.93 25.52 -2.87
N SER A 84 57.17 25.15 -3.19
CA SER A 84 57.87 25.65 -4.37
C SER A 84 58.50 24.50 -5.14
N THR A 85 59.71 24.10 -4.72
CA THR A 85 60.49 23.09 -5.43
C THR A 85 59.62 21.93 -5.94
N GLN A 86 60.00 21.39 -7.10
CA GLN A 86 59.20 20.37 -7.77
C GLN A 86 58.83 19.23 -6.83
N GLU A 87 59.84 18.47 -6.41
CA GLU A 87 59.58 17.28 -5.61
C GLU A 87 60.72 17.02 -4.61
N SER A 88 60.41 16.25 -3.58
CA SER A 88 61.39 15.88 -2.57
C SER A 88 62.65 15.34 -3.20
N LYS A 89 63.79 15.64 -2.58
CA LYS A 89 65.06 15.14 -3.07
C LYS A 89 65.20 13.65 -2.77
N LEU A 90 64.23 13.11 -2.03
CA LEU A 90 64.31 11.73 -1.54
C LEU A 90 63.49 10.71 -2.36
N ARG A 91 62.81 11.18 -3.39
CA ARG A 91 61.91 10.33 -4.16
C ARG A 91 62.54 9.04 -4.69
N TYR A 92 63.85 9.04 -4.91
CA TYR A 92 64.49 7.89 -5.57
C TYR A 92 65.53 7.13 -4.73
N ILE A 93 65.52 7.32 -3.41
CA ILE A 93 66.46 6.59 -2.55
C ILE A 93 66.11 5.11 -2.37
N GLN A 94 64.83 4.81 -2.14
CA GLN A 94 64.41 3.46 -1.78
C GLN A 94 63.78 2.70 -2.95
N ASN A 95 64.26 1.48 -3.18
CA ASN A 95 63.60 0.55 -4.10
C ASN A 95 62.46 -0.20 -3.38
N PHE A 96 61.34 -0.36 -4.07
CA PHE A 96 60.16 -0.99 -3.48
C PHE A 96 59.73 -2.15 -4.34
N LYS A 97 59.46 -3.28 -3.69
CA LYS A 97 59.18 -4.54 -4.39
C LYS A 97 57.77 -5.04 -4.06
N TRP A 98 56.98 -5.29 -5.10
CA TRP A 98 55.57 -5.67 -4.93
C TRP A 98 55.16 -6.77 -5.92
N THR A 99 54.30 -7.66 -5.45
CA THR A 99 53.64 -8.62 -6.34
C THR A 99 52.36 -7.97 -6.85
N ASP A 100 51.78 -8.54 -7.91
CA ASP A 100 50.53 -8.01 -8.45
C ASP A 100 49.38 -9.00 -8.32
N THR A 101 48.16 -8.49 -8.23
CA THR A 101 46.97 -9.32 -8.01
C THR A 101 46.78 -10.44 -9.03
N LEU A 102 47.03 -10.13 -10.29
CA LEU A 102 46.78 -11.08 -11.37
C LEU A 102 48.04 -11.84 -11.79
N GLN A 103 49.15 -11.57 -11.12
CA GLN A 103 50.45 -12.08 -11.58
C GLN A 103 51.16 -13.02 -10.61
N GLY A 104 50.39 -13.70 -9.76
CA GLY A 104 50.95 -14.69 -8.86
C GLY A 104 52.01 -14.12 -7.92
N GLN A 105 53.20 -14.71 -7.96
CA GLN A 105 54.25 -14.32 -7.03
C GLN A 105 55.42 -13.62 -7.72
N VAL A 106 55.30 -13.41 -9.03
CA VAL A 106 56.32 -12.68 -9.79
C VAL A 106 56.31 -11.20 -9.43
N PRO A 107 57.31 -10.73 -8.68
CA PRO A 107 57.34 -9.37 -8.18
C PRO A 107 57.80 -8.35 -9.22
N SER A 108 57.53 -7.09 -8.95
CA SER A 108 57.98 -5.98 -9.81
C SER A 108 58.47 -4.89 -8.88
N ALA A 109 59.50 -4.17 -9.29
CA ALA A 109 60.11 -3.18 -8.39
C ALA A 109 60.45 -1.89 -9.09
N GLN A 110 60.47 -0.81 -8.31
CA GLN A 110 60.85 0.51 -8.80
C GLN A 110 61.55 1.26 -7.68
N GLN A 111 62.56 2.03 -8.03
CA GLN A 111 63.19 2.88 -7.04
C GLN A 111 62.50 4.25 -7.08
N ASP A 112 61.22 4.25 -6.74
CA ASP A 112 60.39 5.44 -6.82
C ASP A 112 59.35 5.41 -5.71
N ALA A 113 59.38 6.42 -4.84
CA ALA A 113 58.43 6.49 -3.74
C ALA A 113 56.98 6.64 -4.22
N VAL A 114 56.80 6.96 -5.50
CA VAL A 114 55.45 7.08 -6.03
C VAL A 114 54.90 5.70 -6.35
N PHE A 115 55.78 4.80 -6.79
CA PHE A 115 55.44 3.40 -6.99
C PHE A 115 54.98 2.75 -5.68
N GLU A 116 55.65 3.08 -4.58
CA GLU A 116 55.27 2.56 -3.27
C GLU A 116 53.93 3.16 -2.81
N LEU A 117 53.77 4.46 -3.05
CA LEU A 117 52.55 5.14 -2.62
C LEU A 117 51.32 4.53 -3.30
N ILE A 118 51.43 4.29 -4.60
CA ILE A 118 50.31 3.72 -5.35
C ILE A 118 50.10 2.24 -5.04
N SER A 119 51.19 1.48 -5.00
CA SER A 119 51.08 0.05 -4.71
C SER A 119 50.42 -0.18 -3.34
N MET A 120 50.91 0.53 -2.32
CA MET A 120 50.33 0.42 -0.99
C MET A 120 48.90 0.95 -0.97
N GLY A 121 48.66 2.06 -1.67
CA GLY A 121 47.32 2.64 -1.73
C GLY A 121 46.34 1.68 -2.38
N PHE A 122 46.83 0.99 -3.41
CA PHE A 122 46.07 -0.01 -4.10
C PHE A 122 45.68 -1.11 -3.12
N ASN A 123 46.64 -1.53 -2.30
CA ASN A 123 46.40 -2.61 -1.37
C ASN A 123 45.35 -2.21 -0.34
N VAL A 124 45.35 -0.93 0.02
CA VAL A 124 44.39 -0.41 1.00
C VAL A 124 42.97 -0.46 0.44
N ALA A 125 42.81 -0.04 -0.82
CA ALA A 125 41.50 -0.09 -1.45
C ALA A 125 41.06 -1.55 -1.54
N LEU A 126 41.98 -2.40 -1.97
CA LEU A 126 41.72 -3.83 -2.07
C LEU A 126 41.23 -4.36 -0.73
N TRP A 127 41.92 -3.97 0.35
CA TRP A 127 41.52 -4.40 1.69
C TRP A 127 40.11 -3.96 2.03
N TYR A 128 39.73 -2.77 1.58
CA TYR A 128 38.38 -2.29 1.88
C TYR A 128 37.31 -3.12 1.16
N THR A 129 37.63 -3.64 -0.02
CA THR A 129 36.68 -4.49 -0.73
C THR A 129 36.57 -5.86 -0.07
N LYS A 130 37.69 -6.34 0.46
CA LYS A 130 37.75 -7.64 1.12
C LYS A 130 37.10 -7.57 2.49
N TYR A 131 37.27 -6.44 3.17
CA TYR A 131 36.57 -6.27 4.43
C TYR A 131 35.06 -6.29 4.19
N ALA A 132 34.62 -5.64 3.13
CA ALA A 132 33.20 -5.57 2.79
C ALA A 132 32.60 -6.92 2.44
N SER A 133 33.24 -7.67 1.54
CA SER A 133 32.72 -8.96 1.11
C SER A 133 32.68 -9.94 2.26
N ARG A 134 33.72 -9.89 3.09
CA ARG A 134 33.81 -10.72 4.27
C ARG A 134 32.68 -10.37 5.25
N LEU A 135 32.56 -9.09 5.58
CA LEU A 135 31.55 -8.62 6.52
C LEU A 135 30.14 -8.85 5.99
N ALA A 136 30.01 -9.02 4.67
CA ALA A 136 28.71 -9.22 4.04
C ALA A 136 28.29 -10.68 4.11
N GLY A 137 29.21 -11.53 4.55
CA GLY A 137 28.93 -12.95 4.68
C GLY A 137 28.39 -13.31 6.05
N LYS A 138 28.47 -12.36 6.97
CA LYS A 138 27.98 -12.57 8.34
C LYS A 138 26.49 -12.87 8.35
N GLU A 139 26.12 -13.96 9.02
CA GLU A 139 24.73 -14.40 9.08
C GLU A 139 23.86 -13.40 9.83
N ASN A 140 24.32 -12.95 10.99
CA ASN A 140 23.56 -11.97 11.77
C ASN A 140 24.12 -10.55 11.68
N ILE A 141 24.19 -10.03 10.45
CA ILE A 141 24.73 -8.69 10.21
C ILE A 141 23.78 -7.62 10.73
N THR A 142 24.31 -6.66 11.48
CA THR A 142 23.51 -5.54 11.97
C THR A 142 23.39 -4.48 10.88
N GLU A 143 22.49 -3.53 11.07
CA GLU A 143 22.26 -2.50 10.07
C GLU A 143 23.52 -1.68 9.85
N ASP A 144 24.15 -1.23 10.93
CA ASP A 144 25.37 -0.44 10.85
C ASP A 144 26.47 -1.18 10.09
N GLU A 145 26.48 -2.50 10.19
CA GLU A 145 27.47 -3.31 9.50
C GLU A 145 27.19 -3.36 8.00
N ALA A 146 25.92 -3.44 7.62
CA ALA A 146 25.54 -3.43 6.22
C ALA A 146 25.85 -2.07 5.62
N LYS A 147 25.73 -1.02 6.44
CA LYS A 147 26.09 0.32 6.04
C LYS A 147 27.60 0.37 5.82
N GLU A 148 28.33 -0.33 6.68
CA GLU A 148 29.79 -0.42 6.60
C GLU A 148 30.22 -1.05 5.28
N VAL A 149 29.53 -2.12 4.89
CA VAL A 149 29.85 -2.83 3.64
C VAL A 149 29.71 -1.89 2.46
N HIS A 150 28.61 -1.14 2.43
CA HIS A 150 28.32 -0.20 1.36
C HIS A 150 29.37 0.92 1.33
N ARG A 151 29.61 1.54 2.49
CA ARG A 151 30.59 2.62 2.60
C ARG A 151 31.98 2.18 2.18
N SER A 152 32.43 1.04 2.69
CA SER A 152 33.77 0.52 2.40
C SER A 152 34.02 0.34 0.90
N LEU A 153 32.99 -0.10 0.19
CA LEU A 153 33.10 -0.31 -1.24
C LEU A 153 33.25 1.03 -1.97
N LYS A 154 32.60 2.06 -1.44
CA LYS A 154 32.67 3.38 -2.04
C LYS A 154 33.99 4.05 -1.71
N ILE A 155 34.55 3.73 -0.54
CA ILE A 155 35.86 4.23 -0.17
C ILE A 155 36.88 3.61 -1.11
N ALA A 156 36.83 2.29 -1.26
CA ALA A 156 37.73 1.60 -2.16
C ALA A 156 37.67 2.19 -3.57
N ALA A 157 36.45 2.45 -4.04
CA ALA A 157 36.23 3.02 -5.37
C ALA A 157 36.95 4.36 -5.51
N GLY A 158 36.86 5.18 -4.47
CA GLY A 158 37.47 6.50 -4.47
C GLY A 158 38.99 6.45 -4.50
N ILE A 159 39.57 5.56 -3.70
CA ILE A 159 41.02 5.40 -3.67
C ILE A 159 41.54 4.95 -5.04
N PHE A 160 40.95 3.89 -5.58
CA PHE A 160 41.33 3.43 -6.91
C PHE A 160 41.26 4.59 -7.91
N LYS A 161 40.17 5.34 -7.87
CA LYS A 161 39.96 6.44 -8.82
C LYS A 161 41.01 7.53 -8.62
N HIS A 162 41.33 7.83 -7.36
CA HIS A 162 42.32 8.84 -7.07
C HIS A 162 43.70 8.43 -7.58
N LEU A 163 44.05 7.16 -7.38
CA LEU A 163 45.33 6.62 -7.83
C LEU A 163 45.49 6.76 -9.34
N LYS A 164 44.46 6.35 -10.08
CA LYS A 164 44.51 6.37 -11.53
C LYS A 164 44.59 7.80 -12.08
N GLU A 165 43.88 8.72 -11.44
CA GLU A 165 43.76 10.09 -11.96
C GLU A 165 44.82 11.08 -11.46
N SER A 166 45.32 10.90 -10.25
CA SER A 166 46.23 11.88 -9.67
C SER A 166 47.65 11.39 -9.52
N HIS A 167 47.86 10.08 -9.61
CA HIS A 167 49.18 9.53 -9.28
C HIS A 167 49.80 8.64 -10.36
N LEU A 168 48.99 7.78 -10.96
CA LEU A 168 49.50 6.88 -11.99
C LEU A 168 50.35 7.60 -13.06
N PRO A 169 49.91 8.79 -13.51
CA PRO A 169 50.68 9.53 -14.53
C PRO A 169 52.04 10.02 -14.06
N LYS A 170 52.22 10.16 -12.74
CA LYS A 170 53.51 10.60 -12.19
C LYS A 170 54.64 9.60 -12.39
N LEU A 171 54.30 8.32 -12.54
CA LEU A 171 55.32 7.29 -12.66
C LEU A 171 56.24 7.55 -13.84
N ILE A 172 57.53 7.24 -13.67
CA ILE A 172 58.49 7.39 -14.76
C ILE A 172 58.42 6.23 -15.73
N THR A 173 58.58 5.01 -15.22
CA THR A 173 58.43 3.83 -16.05
C THR A 173 57.00 3.31 -15.94
N PRO A 174 56.33 3.14 -17.08
CA PRO A 174 54.94 2.68 -17.10
C PRO A 174 54.83 1.18 -16.82
N ALA A 175 53.87 0.80 -15.99
CA ALA A 175 53.63 -0.62 -15.73
C ALA A 175 53.11 -1.28 -17.00
N GLU A 176 53.40 -2.56 -17.17
CA GLU A 176 52.99 -3.28 -18.36
C GLU A 176 51.55 -3.80 -18.24
N LYS A 177 50.93 -4.04 -19.39
CA LYS A 177 49.63 -4.70 -19.44
C LYS A 177 49.64 -5.91 -18.52
N GLY A 178 48.66 -5.97 -17.61
CA GLY A 178 48.52 -7.11 -16.73
C GLY A 178 48.86 -6.84 -15.28
N ARG A 179 49.59 -5.75 -15.02
CA ARG A 179 49.94 -5.39 -13.65
C ARG A 179 49.00 -4.33 -13.07
N ASP A 180 48.99 -4.21 -11.75
CA ASP A 180 48.03 -3.36 -11.03
C ASP A 180 48.17 -1.86 -11.30
N LEU A 181 49.40 -1.38 -11.48
CA LEU A 181 49.59 0.05 -11.72
C LEU A 181 49.41 0.36 -13.20
N GLU A 182 48.31 -0.13 -13.75
CA GLU A 182 47.98 0.10 -15.15
C GLU A 182 46.58 0.68 -15.21
N SER A 183 46.34 1.58 -16.15
CA SER A 183 45.09 2.33 -16.21
C SER A 183 43.82 1.46 -16.29
N ARG A 184 43.76 0.61 -17.30
CA ARG A 184 42.59 -0.25 -17.50
C ARG A 184 42.27 -1.12 -16.28
N LEU A 185 43.28 -1.74 -15.70
CA LEU A 185 43.04 -2.60 -14.54
C LEU A 185 42.45 -1.83 -13.36
N ILE A 186 42.99 -0.63 -13.12
CA ILE A 186 42.47 0.19 -12.03
C ILE A 186 41.06 0.66 -12.35
N GLU A 187 40.81 1.01 -13.61
CA GLU A 187 39.48 1.42 -14.03
C GLU A 187 38.45 0.35 -13.68
N ALA A 188 38.72 -0.89 -14.07
CA ALA A 188 37.82 -2.00 -13.78
C ALA A 188 37.48 -2.07 -12.29
N TYR A 189 38.48 -1.86 -11.44
CA TYR A 189 38.25 -1.87 -10.01
C TYR A 189 37.33 -0.72 -9.55
N VAL A 190 37.49 0.46 -10.14
CA VAL A 190 36.59 1.55 -9.81
C VAL A 190 35.16 1.17 -10.14
N ILE A 191 34.96 0.66 -11.35
CA ILE A 191 33.63 0.24 -11.81
C ILE A 191 33.06 -0.91 -10.97
N GLN A 192 33.90 -1.92 -10.72
CA GLN A 192 33.45 -3.09 -9.95
C GLN A 192 33.02 -2.73 -8.53
N CYS A 193 33.81 -1.89 -7.87
CA CYS A 193 33.44 -1.45 -6.52
C CYS A 193 32.13 -0.69 -6.53
N GLN A 194 31.92 0.15 -7.53
CA GLN A 194 30.65 0.84 -7.69
C GLN A 194 29.50 -0.16 -7.85
N ALA A 195 29.63 -1.07 -8.79
CA ALA A 195 28.60 -2.08 -9.04
C ALA A 195 28.29 -2.89 -7.79
N GLU A 196 29.32 -3.38 -7.11
CA GLU A 196 29.10 -4.17 -5.90
C GLU A 196 28.38 -3.36 -4.83
N ALA A 197 28.70 -2.07 -4.75
CA ALA A 197 28.01 -1.19 -3.82
C ALA A 197 26.54 -1.09 -4.20
N GLN A 198 26.26 -0.94 -5.49
CA GLN A 198 24.89 -0.86 -5.95
C GLN A 198 24.09 -2.13 -5.66
N GLU A 199 24.75 -3.28 -5.69
CA GLU A 199 24.09 -4.53 -5.32
C GLU A 199 23.47 -4.43 -3.93
N VAL A 200 24.19 -3.80 -3.02
CA VAL A 200 23.69 -3.64 -1.66
C VAL A 200 22.48 -2.72 -1.65
N THR A 201 22.56 -1.58 -2.33
CA THR A 201 21.43 -0.67 -2.40
C THR A 201 20.21 -1.36 -3.01
N ILE A 202 20.43 -2.16 -4.05
CA ILE A 202 19.35 -2.94 -4.65
C ILE A 202 18.68 -3.88 -3.65
N ALA A 203 19.49 -4.71 -2.99
CA ALA A 203 18.98 -5.66 -2.00
C ALA A 203 18.15 -4.96 -0.93
N ARG A 204 18.52 -3.73 -0.62
CA ARG A 204 17.86 -2.96 0.41
C ARG A 204 16.59 -2.27 -0.13
N ALA A 205 16.61 -1.89 -1.40
CA ALA A 205 15.45 -1.26 -2.02
C ALA A 205 14.32 -2.27 -2.13
N ILE A 206 14.69 -3.50 -2.47
CA ILE A 206 13.77 -4.62 -2.47
C ILE A 206 13.17 -4.80 -1.08
N GLU A 207 14.03 -4.83 -0.07
CA GLU A 207 13.60 -5.02 1.32
C GLU A 207 12.68 -3.91 1.79
N LEU A 208 13.02 -2.66 1.47
CA LEU A 208 12.20 -1.53 1.88
C LEU A 208 11.01 -1.32 0.94
N LYS A 209 10.72 -2.33 0.11
CA LYS A 209 9.53 -2.31 -0.75
C LYS A 209 9.43 -1.08 -1.64
N HIS A 210 10.56 -0.65 -2.21
CA HIS A 210 10.53 0.44 -3.16
C HIS A 210 9.83 0.02 -4.46
N ALA A 211 9.51 1.01 -5.29
CA ALA A 211 8.81 0.75 -6.55
C ALA A 211 9.62 -0.17 -7.44
N PRO A 212 8.94 -1.12 -8.10
CA PRO A 212 9.66 -2.07 -8.95
C PRO A 212 10.39 -1.37 -10.08
N GLY A 213 9.89 -0.21 -10.49
CA GLY A 213 10.51 0.52 -11.59
C GLY A 213 11.90 1.01 -11.21
N LEU A 214 12.06 1.45 -9.97
CA LEU A 214 13.34 1.89 -9.45
C LEU A 214 14.31 0.72 -9.32
N ILE A 215 13.83 -0.36 -8.72
CA ILE A 215 14.63 -1.56 -8.55
C ILE A 215 15.14 -2.07 -9.90
N ALA A 216 14.25 -2.13 -10.88
CA ALA A 216 14.60 -2.60 -12.21
C ALA A 216 15.68 -1.72 -12.84
N ALA A 217 15.55 -0.41 -12.64
CA ALA A 217 16.53 0.53 -13.19
C ALA A 217 17.92 0.34 -12.57
N LEU A 218 17.98 0.29 -11.24
CA LEU A 218 19.25 0.06 -10.55
C LEU A 218 19.90 -1.23 -11.00
N ALA A 219 19.12 -2.30 -11.05
CA ALA A 219 19.61 -3.60 -11.50
C ALA A 219 20.19 -3.48 -12.91
N TYR A 220 19.50 -2.73 -13.77
CA TYR A 220 19.95 -2.54 -15.14
C TYR A 220 21.24 -1.71 -15.20
N GLU A 221 21.28 -0.61 -14.46
CA GLU A 221 22.52 0.19 -14.38
C GLU A 221 23.64 -0.69 -13.86
N THR A 222 23.36 -1.39 -12.76
CA THR A 222 24.33 -2.30 -12.16
C THR A 222 24.87 -3.26 -13.23
N ALA A 223 23.96 -3.91 -13.96
CA ALA A 223 24.39 -4.84 -15.00
C ALA A 223 25.33 -4.14 -15.99
N ASN A 224 24.97 -2.92 -16.40
CA ASN A 224 25.78 -2.16 -17.33
C ASN A 224 27.16 -1.82 -16.78
N PHE A 225 27.22 -1.59 -15.46
CA PHE A 225 28.51 -1.43 -14.79
C PHE A 225 29.36 -2.66 -15.00
N TYR A 226 28.80 -3.84 -14.75
CA TYR A 226 29.55 -5.07 -14.93
C TYR A 226 29.97 -5.28 -16.38
N GLN A 227 29.09 -4.91 -17.30
CA GLN A 227 29.42 -5.00 -18.71
C GLN A 227 30.60 -4.09 -19.02
N LYS A 228 30.57 -2.88 -18.48
CA LYS A 228 31.64 -1.93 -18.72
C LYS A 228 32.96 -2.44 -18.12
N ALA A 229 32.90 -2.95 -16.89
CA ALA A 229 34.09 -3.45 -16.22
C ALA A 229 34.73 -4.60 -17.01
N ASP A 230 33.90 -5.51 -17.49
CA ASP A 230 34.36 -6.65 -18.27
C ASP A 230 35.05 -6.20 -19.56
N HIS A 231 34.44 -5.25 -20.26
CA HIS A 231 35.00 -4.76 -21.50
C HIS A 231 36.30 -3.98 -21.24
N THR A 232 36.37 -3.31 -20.09
CA THR A 232 37.56 -2.56 -19.71
C THR A 232 38.77 -3.49 -19.58
N LEU A 233 38.51 -4.77 -19.31
CA LEU A 233 39.60 -5.73 -19.17
C LEU A 233 39.79 -6.56 -20.44
N SER A 234 39.06 -6.22 -21.49
CA SER A 234 39.00 -7.05 -22.70
C SER A 234 40.33 -7.13 -23.46
N SER A 235 41.22 -6.18 -23.21
CA SER A 235 42.52 -6.17 -23.88
C SER A 235 43.52 -7.10 -23.19
N LEU A 236 43.37 -7.27 -21.88
CA LEU A 236 44.29 -8.11 -21.11
C LEU A 236 44.33 -9.53 -21.67
N GLU A 237 45.42 -10.25 -21.40
CA GLU A 237 45.56 -11.63 -21.84
C GLU A 237 44.75 -12.57 -20.98
N PRO A 238 43.93 -13.42 -21.61
CA PRO A 238 43.01 -14.36 -20.95
C PRO A 238 43.70 -15.17 -19.86
N ALA A 239 44.98 -15.48 -20.05
CA ALA A 239 45.68 -16.30 -19.09
C ALA A 239 45.38 -15.86 -17.65
N TYR A 240 45.58 -14.58 -17.38
CA TYR A 240 45.45 -14.05 -16.02
C TYR A 240 44.12 -13.34 -15.73
N SER A 241 43.43 -12.90 -16.78
CA SER A 241 42.21 -12.10 -16.60
C SER A 241 40.92 -12.91 -16.70
N ALA A 242 41.00 -14.10 -17.31
CA ALA A 242 39.82 -14.89 -17.65
C ALA A 242 38.84 -15.11 -16.50
N LYS A 243 39.35 -15.61 -15.37
CA LYS A 243 38.47 -15.92 -14.24
C LYS A 243 37.73 -14.68 -13.75
N TRP A 244 38.48 -13.60 -13.56
CA TRP A 244 37.91 -12.34 -13.12
C TRP A 244 36.82 -11.86 -14.08
N ARG A 245 37.04 -12.03 -15.37
CA ARG A 245 36.07 -11.60 -16.38
C ARG A 245 34.80 -12.46 -16.36
N LYS A 246 34.94 -13.73 -16.03
CA LYS A 246 33.79 -14.61 -15.91
C LYS A 246 32.85 -14.13 -14.80
N TYR A 247 33.44 -13.67 -13.70
CA TYR A 247 32.67 -13.09 -12.61
C TYR A 247 31.87 -11.90 -13.11
N LEU A 248 32.55 -10.99 -13.79
CA LEU A 248 31.93 -9.77 -14.31
C LEU A 248 30.81 -10.09 -15.29
N HIS A 249 31.07 -11.01 -16.21
CA HIS A 249 30.09 -11.40 -17.21
C HIS A 249 28.88 -12.02 -16.53
N LEU A 250 29.15 -12.82 -15.50
CA LEU A 250 28.13 -13.50 -14.71
C LEU A 250 27.18 -12.51 -14.05
N LYS A 251 27.76 -11.55 -13.33
CA LYS A 251 26.99 -10.58 -12.59
C LYS A 251 26.19 -9.70 -13.55
N MET A 252 26.70 -9.52 -14.76
CA MET A 252 25.97 -8.76 -15.77
C MET A 252 24.68 -9.49 -16.18
N CYS A 253 24.79 -10.78 -16.49
CA CYS A 253 23.61 -11.55 -16.88
C CYS A 253 22.64 -11.63 -15.71
N PHE A 254 23.21 -11.82 -14.53
CA PHE A 254 22.44 -11.94 -13.30
C PHE A 254 21.57 -10.71 -13.06
N TYR A 255 22.15 -9.54 -13.21
CA TYR A 255 21.42 -8.31 -12.93
C TYR A 255 20.53 -7.86 -14.08
N THR A 256 20.86 -8.31 -15.30
CA THR A 256 19.94 -8.13 -16.41
C THR A 256 18.67 -8.94 -16.14
N ALA A 257 18.84 -10.10 -15.52
CA ALA A 257 17.70 -10.93 -15.10
C ALA A 257 16.87 -10.23 -14.03
N TYR A 258 17.55 -9.63 -13.06
CA TYR A 258 16.86 -8.86 -12.04
C TYR A 258 16.06 -7.75 -12.70
N ALA A 259 16.64 -7.13 -13.71
CA ALA A 259 16.00 -6.01 -14.39
C ALA A 259 14.72 -6.46 -15.06
N TYR A 260 14.81 -7.52 -15.86
CA TYR A 260 13.65 -8.06 -16.55
C TYR A 260 12.58 -8.50 -15.56
N CYS A 261 13.03 -8.99 -14.42
CA CYS A 261 12.10 -9.48 -13.41
C CYS A 261 11.26 -8.34 -12.85
N TYR A 262 11.92 -7.38 -12.23
CA TYR A 262 11.21 -6.23 -11.69
C TYR A 262 10.57 -5.36 -12.75
N HIS A 263 11.10 -5.37 -13.97
CA HIS A 263 10.43 -4.70 -15.06
C HIS A 263 9.09 -5.37 -15.34
N GLY A 264 9.05 -6.69 -15.22
CA GLY A 264 7.83 -7.45 -15.36
C GLY A 264 6.79 -6.99 -14.35
N GLU A 265 7.24 -6.74 -13.13
CA GLU A 265 6.37 -6.26 -12.06
C GLU A 265 5.74 -4.92 -12.42
N THR A 266 6.50 -4.05 -13.09
CA THR A 266 6.00 -2.72 -13.41
C THR A 266 5.06 -2.77 -14.59
N LEU A 267 5.28 -3.73 -15.48
CA LEU A 267 4.34 -3.99 -16.58
C LEU A 267 3.02 -4.53 -16.04
N LEU A 268 3.11 -5.49 -15.12
CA LEU A 268 1.92 -6.06 -14.49
C LEU A 268 1.08 -4.98 -13.81
N ALA A 269 1.75 -4.08 -13.10
CA ALA A 269 1.04 -2.99 -12.43
C ALA A 269 0.50 -1.95 -13.42
N SER A 270 0.95 -1.99 -14.66
CA SER A 270 0.40 -1.13 -15.70
C SER A 270 -0.71 -1.88 -16.44
N ASP A 271 -1.16 -2.98 -15.86
CA ASP A 271 -2.16 -3.84 -16.49
C ASP A 271 -1.69 -4.40 -17.83
N LYS A 272 -0.38 -4.58 -17.97
CA LYS A 272 0.15 -5.25 -19.15
C LYS A 272 0.72 -6.62 -18.77
N CYS A 273 -0.17 -7.52 -18.38
CA CYS A 273 0.20 -8.84 -17.90
C CYS A 273 0.89 -9.68 -18.96
N GLY A 274 0.42 -9.59 -20.19
CA GLY A 274 1.02 -10.35 -21.27
C GLY A 274 2.46 -9.95 -21.46
N GLU A 275 2.71 -8.63 -21.47
CA GLU A 275 4.07 -8.12 -21.60
C GLU A 275 4.92 -8.51 -20.41
N ALA A 276 4.32 -8.49 -19.23
CA ALA A 276 4.99 -8.91 -18.00
C ALA A 276 5.52 -10.35 -18.13
N ILE A 277 4.66 -11.25 -18.58
CA ILE A 277 5.05 -12.63 -18.77
C ILE A 277 6.28 -12.76 -19.68
N ARG A 278 6.25 -12.07 -20.83
CA ARG A 278 7.38 -12.12 -21.75
C ARG A 278 8.65 -11.60 -21.09
N SER A 279 8.50 -10.54 -20.30
CA SER A 279 9.64 -9.94 -19.61
C SER A 279 10.27 -10.94 -18.63
N LEU A 280 9.41 -11.61 -17.86
CA LEU A 280 9.86 -12.61 -16.92
C LEU A 280 10.44 -13.85 -17.59
N GLN A 281 9.91 -14.21 -18.75
CA GLN A 281 10.48 -15.34 -19.49
C GLN A 281 11.90 -15.00 -19.89
N GLU A 282 12.13 -13.74 -20.27
CA GLU A 282 13.48 -13.30 -20.58
C GLU A 282 14.38 -13.40 -19.35
N ALA A 283 13.83 -13.12 -18.17
CA ALA A 283 14.61 -13.16 -16.94
C ALA A 283 15.07 -14.60 -16.64
N GLU A 284 14.17 -15.56 -16.80
CA GLU A 284 14.54 -16.95 -16.54
C GLU A 284 15.60 -17.46 -17.51
N LYS A 285 15.57 -16.95 -18.74
CA LYS A 285 16.60 -17.30 -19.72
C LYS A 285 17.97 -16.80 -19.25
N LEU A 286 18.02 -15.54 -18.81
CA LEU A 286 19.25 -14.94 -18.30
C LEU A 286 19.70 -15.58 -17.00
N TYR A 287 18.75 -15.93 -16.14
CA TYR A 287 19.08 -16.61 -14.90
C TYR A 287 19.78 -17.92 -15.23
N ALA A 288 19.19 -18.67 -16.15
CA ALA A 288 19.79 -19.94 -16.57
C ALA A 288 21.19 -19.71 -17.12
N LYS A 289 21.34 -18.72 -17.98
CA LYS A 289 22.64 -18.40 -18.56
C LYS A 289 23.66 -18.08 -17.48
N ALA A 290 23.22 -17.37 -16.44
CA ALA A 290 24.09 -17.04 -15.32
C ALA A 290 24.53 -18.30 -14.59
N GLU A 291 23.61 -19.26 -14.43
CA GLU A 291 23.96 -20.52 -13.80
C GLU A 291 25.04 -21.24 -14.57
N ALA A 292 25.00 -21.13 -15.90
CA ALA A 292 26.03 -21.73 -16.74
C ALA A 292 27.37 -21.05 -16.43
N LEU A 293 27.34 -19.73 -16.35
CA LEU A 293 28.54 -18.95 -16.06
C LEU A 293 29.10 -19.29 -14.67
N CYS A 294 28.20 -19.54 -13.71
CA CYS A 294 28.64 -20.00 -12.39
C CYS A 294 29.41 -21.30 -12.52
N LYS A 295 28.77 -22.30 -13.13
CA LYS A 295 29.44 -23.57 -13.39
C LYS A 295 30.76 -23.32 -14.12
N GLU A 296 30.69 -22.58 -15.23
CA GLU A 296 31.88 -22.26 -16.02
C GLU A 296 32.93 -21.54 -15.19
N TYR A 297 32.47 -20.82 -14.16
CA TYR A 297 33.39 -20.07 -13.32
C TYR A 297 34.37 -21.01 -12.61
N GLY A 298 33.84 -22.07 -12.01
CA GLY A 298 34.66 -23.06 -11.33
C GLY A 298 35.69 -23.73 -12.23
N GLU A 299 35.28 -24.05 -13.45
CA GLU A 299 36.17 -24.69 -14.42
C GLU A 299 37.28 -23.74 -14.88
N THR A 300 37.01 -22.44 -14.78
CA THR A 300 37.98 -21.43 -15.21
C THR A 300 39.10 -21.27 -14.20
N LYS A 301 40.34 -21.21 -14.69
CA LYS A 301 41.52 -21.22 -13.84
C LYS A 301 41.96 -19.82 -13.39
N GLY A 302 42.25 -19.69 -12.11
CA GLY A 302 42.75 -18.44 -11.56
C GLY A 302 42.67 -18.39 -10.06
N PRO A 303 43.23 -17.32 -9.47
CA PRO A 303 43.13 -17.09 -8.02
C PRO A 303 41.71 -16.67 -7.68
N GLY A 304 41.14 -17.22 -6.62
CA GLY A 304 39.75 -16.92 -6.30
C GLY A 304 39.35 -17.14 -4.87
N PRO A 305 38.10 -16.78 -4.54
CA PRO A 305 37.51 -16.98 -3.21
C PRO A 305 37.27 -18.46 -2.94
N THR A 306 37.29 -18.85 -1.68
CA THR A 306 37.07 -20.24 -1.32
C THR A 306 35.62 -20.65 -1.58
N VAL A 307 34.68 -19.90 -1.02
CA VAL A 307 33.25 -20.13 -1.25
C VAL A 307 32.94 -20.07 -2.75
N LYS A 308 32.21 -21.07 -3.25
CA LYS A 308 31.87 -21.11 -4.67
C LYS A 308 30.47 -20.56 -4.94
N PRO A 309 30.29 -19.97 -6.13
CA PRO A 309 29.07 -19.25 -6.51
C PRO A 309 27.86 -20.17 -6.74
N SER A 310 28.03 -21.22 -7.55
CA SER A 310 26.91 -22.08 -7.87
C SER A 310 26.31 -22.70 -6.61
N GLY A 311 25.00 -22.57 -6.44
CA GLY A 311 24.30 -23.09 -5.28
C GLY A 311 24.20 -22.08 -4.16
N HIS A 312 24.94 -20.99 -4.27
CA HIS A 312 24.93 -19.95 -3.24
C HIS A 312 23.55 -19.31 -3.14
N LEU A 313 23.10 -19.08 -1.91
CA LEU A 313 21.78 -18.51 -1.67
C LEU A 313 21.54 -17.25 -2.48
N PHE A 314 22.63 -16.54 -2.80
CA PHE A 314 22.55 -15.29 -3.54
C PHE A 314 21.92 -15.48 -4.92
N PHE A 315 22.19 -16.64 -5.54
CA PHE A 315 21.69 -16.90 -6.88
C PHE A 315 20.32 -17.59 -6.86
N ARG A 316 20.07 -18.41 -5.85
CA ARG A 316 18.76 -19.03 -5.68
C ARG A 316 17.72 -17.97 -5.35
N LYS A 317 18.13 -16.97 -4.58
CA LYS A 317 17.29 -15.85 -4.21
C LYS A 317 16.55 -15.30 -5.45
N LEU A 318 17.32 -14.98 -6.49
CA LEU A 318 16.74 -14.50 -7.75
C LEU A 318 15.94 -15.60 -8.47
N GLY A 319 16.43 -16.82 -8.42
CA GLY A 319 15.73 -17.96 -9.00
C GLY A 319 14.30 -18.08 -8.51
N ASN A 320 14.13 -18.04 -7.18
CA ASN A 320 12.80 -18.11 -6.59
C ASN A 320 11.95 -16.92 -7.01
N LEU A 321 12.59 -15.76 -7.08
CA LEU A 321 11.88 -14.53 -7.40
C LEU A 321 11.31 -14.58 -8.80
N VAL A 322 12.11 -15.02 -9.77
CA VAL A 322 11.62 -15.19 -11.14
C VAL A 322 10.47 -16.19 -11.21
N LYS A 323 10.66 -17.34 -10.56
CA LYS A 323 9.64 -18.39 -10.54
C LYS A 323 8.33 -17.87 -9.96
N ASN A 324 8.39 -17.32 -8.75
CA ASN A 324 7.21 -16.79 -8.09
C ASN A 324 6.56 -15.62 -8.83
N THR A 325 7.36 -14.70 -9.36
CA THR A 325 6.81 -13.56 -10.08
C THR A 325 6.16 -14.01 -11.39
N LEU A 326 6.77 -14.99 -12.05
CA LEU A 326 6.21 -15.56 -13.26
C LEU A 326 4.91 -16.30 -12.95
N GLU A 327 4.92 -17.10 -11.90
CA GLU A 327 3.71 -17.81 -11.49
C GLU A 327 2.58 -16.84 -11.18
N LYS A 328 2.91 -15.70 -10.59
CA LYS A 328 1.90 -14.69 -10.29
C LYS A 328 1.35 -14.08 -11.58
N CYS A 329 2.22 -13.74 -12.51
CA CYS A 329 1.80 -13.14 -13.77
C CYS A 329 0.89 -14.07 -14.59
N GLN A 330 1.18 -15.36 -14.56
CA GLN A 330 0.42 -16.31 -15.36
C GLN A 330 -0.93 -16.65 -14.73
N ARG A 331 -1.00 -16.60 -13.41
CA ARG A 331 -2.26 -16.77 -12.70
C ARG A 331 -3.16 -15.57 -12.96
N GLU A 332 -2.59 -14.37 -12.93
CA GLU A 332 -3.35 -13.16 -13.22
C GLU A 332 -3.87 -13.18 -14.65
N ASN A 333 -3.04 -13.65 -15.57
CA ASN A 333 -3.44 -13.72 -16.97
C ASN A 333 -4.50 -14.78 -17.20
N GLY A 334 -4.40 -15.88 -16.46
CA GLY A 334 -5.33 -16.98 -16.58
C GLY A 334 -6.66 -16.73 -15.91
N PHE A 335 -6.66 -15.87 -14.89
CA PHE A 335 -7.89 -15.57 -14.14
C PHE A 335 -8.55 -14.26 -14.56
N ILE A 336 -7.75 -13.24 -14.89
CA ILE A 336 -8.28 -11.90 -15.16
C ILE A 336 -7.97 -11.35 -16.55
N TYR A 337 -6.68 -11.27 -16.90
CA TYR A 337 -6.25 -10.48 -18.05
C TYR A 337 -6.44 -11.12 -19.42
N PHE A 338 -6.13 -12.41 -19.52
CA PHE A 338 -6.27 -13.13 -20.80
C PHE A 338 -5.61 -12.40 -21.98
N GLN A 339 -4.42 -11.87 -21.74
CA GLN A 339 -3.71 -11.13 -22.79
C GLN A 339 -2.71 -12.02 -23.50
N LYS A 340 -2.39 -11.64 -24.73
CA LYS A 340 -1.37 -12.32 -25.52
C LYS A 340 0.04 -12.01 -25.00
N ILE A 341 0.97 -12.93 -25.28
CA ILE A 341 2.36 -12.77 -24.89
C ILE A 341 3.20 -12.44 -26.13
N PRO A 342 3.74 -11.22 -26.19
CA PRO A 342 4.61 -10.80 -27.29
C PRO A 342 5.78 -11.76 -27.47
N THR A 343 6.20 -11.99 -28.71
CA THR A 343 7.26 -12.96 -28.96
C THR A 343 8.61 -12.42 -28.57
N GLU A 344 8.85 -11.14 -28.86
CA GLU A 344 10.12 -10.50 -28.53
C GLU A 344 10.16 -9.98 -27.10
N ALA A 345 11.31 -10.15 -26.46
CA ALA A 345 11.55 -9.55 -25.15
C ALA A 345 11.69 -8.05 -25.31
N PRO A 346 11.14 -7.27 -24.36
CA PRO A 346 11.23 -5.81 -24.43
C PRO A 346 12.69 -5.36 -24.29
N GLN A 347 13.10 -4.34 -25.06
CA GLN A 347 14.45 -3.81 -24.90
C GLN A 347 14.49 -2.77 -23.79
N LEU A 348 15.24 -3.08 -22.73
CA LEU A 348 15.30 -2.21 -21.57
C LEU A 348 16.09 -0.93 -21.86
N GLU A 349 15.48 0.21 -21.57
CA GLU A 349 16.17 1.49 -21.63
C GLU A 349 15.90 2.22 -20.33
N LEU A 350 16.07 1.50 -19.23
CA LEU A 350 15.81 2.03 -17.90
C LEU A 350 17.00 2.88 -17.42
N LYS A 351 16.69 3.94 -16.69
CA LYS A 351 17.72 4.78 -16.07
C LYS A 351 17.28 5.10 -14.65
N ALA A 352 18.13 4.82 -13.68
CA ALA A 352 17.77 5.00 -12.28
C ALA A 352 17.72 6.49 -11.90
N ASN A 353 16.62 6.89 -11.27
CA ASN A 353 16.51 8.24 -10.73
C ASN A 353 17.28 8.41 -9.43
N TYR A 354 17.45 7.31 -8.70
CA TYR A 354 18.13 7.35 -7.42
C TYR A 354 18.83 6.03 -7.17
N GLY A 355 19.78 6.03 -6.23
CA GLY A 355 20.44 4.81 -5.83
C GLY A 355 21.74 4.55 -6.58
N LEU A 356 22.05 5.40 -7.54
CA LEU A 356 23.32 5.27 -8.25
C LEU A 356 24.46 5.68 -7.33
N VAL A 357 25.46 4.82 -7.26
CA VAL A 357 26.58 5.02 -6.35
C VAL A 357 27.75 5.75 -7.01
N GLU A 358 28.26 6.78 -6.33
CA GLU A 358 29.48 7.45 -6.74
C GLU A 358 30.59 7.10 -5.77
N PRO A 359 31.84 7.05 -6.25
CA PRO A 359 32.95 6.80 -5.33
C PRO A 359 33.01 7.89 -4.27
N ILE A 360 33.44 7.53 -3.06
CA ILE A 360 33.76 8.54 -2.06
C ILE A 360 35.15 9.09 -2.37
N PRO A 361 35.23 10.38 -2.72
CA PRO A 361 36.49 10.99 -3.15
C PRO A 361 37.62 10.74 -2.15
N PHE A 362 38.80 10.38 -2.65
CA PHE A 362 39.93 10.13 -1.77
C PHE A 362 41.08 11.09 -2.01
N GLU A 363 41.70 11.52 -0.92
CA GLU A 363 42.97 12.24 -0.96
C GLU A 363 43.91 11.61 0.05
N PHE A 364 45.20 11.60 -0.26
CA PHE A 364 46.18 11.16 0.73
C PHE A 364 46.28 12.24 1.81
N PRO A 365 46.70 11.85 3.02
CA PRO A 365 46.86 12.86 4.07
C PRO A 365 47.92 13.88 3.71
N PRO A 366 47.85 15.07 4.32
CA PRO A 366 48.91 16.06 4.09
C PRO A 366 50.24 15.54 4.64
N THR A 367 51.35 16.06 4.11
CA THR A 367 52.68 15.66 4.58
C THR A 367 52.76 15.77 6.10
N SER A 368 53.34 14.74 6.73
CA SER A 368 53.46 14.72 8.19
C SER A 368 54.18 15.95 8.72
N VAL A 369 53.67 16.52 9.81
CA VAL A 369 54.30 17.66 10.42
C VAL A 369 55.72 17.32 10.83
N GLN A 370 56.02 16.04 10.96
CA GLN A 370 57.35 15.59 11.33
C GLN A 370 58.42 16.04 10.33
N TRP A 371 58.03 16.16 9.07
CA TRP A 371 58.93 16.65 8.04
C TRP A 371 59.11 18.16 8.13
N THR A 372 60.34 18.59 8.36
CA THR A 372 60.70 20.00 8.41
C THR A 372 61.98 20.20 7.63
N PRO A 373 62.25 21.44 7.19
CA PRO A 373 63.51 21.69 6.46
C PRO A 373 64.71 21.21 7.26
N GLU A 374 64.65 21.39 8.57
CA GLU A 374 65.73 20.95 9.46
C GLU A 374 65.98 19.46 9.35
N THR A 375 64.91 18.68 9.36
CA THR A 375 65.01 17.22 9.33
C THR A 375 65.37 16.71 7.94
N LEU A 376 64.81 17.34 6.92
CA LEU A 376 65.18 17.03 5.54
C LEU A 376 66.66 17.36 5.33
N ALA A 377 67.12 18.47 5.92
CA ALA A 377 68.51 18.86 5.85
C ALA A 377 69.42 17.77 6.40
N ALA A 378 68.91 17.01 7.36
CA ALA A 378 69.67 15.95 8.01
C ALA A 378 69.75 14.68 7.17
N PHE A 379 69.04 14.67 6.04
CA PHE A 379 69.22 13.62 5.04
C PHE A 379 70.32 14.07 4.08
N ASP A 380 71.53 13.58 4.32
CA ASP A 380 72.70 14.05 3.61
C ASP A 380 73.03 13.14 2.43
N LEU A 381 72.52 13.48 1.25
CA LEU A 381 72.74 12.67 0.06
C LEU A 381 74.19 12.82 -0.43
N THR A 382 74.91 13.77 0.14
CA THR A 382 76.33 13.94 -0.13
C THR A 382 77.11 12.72 0.34
N LYS A 383 76.62 12.11 1.42
CA LYS A 383 77.20 10.88 1.94
C LYS A 383 76.67 9.66 1.17
N ARG A 384 77.48 8.60 1.12
CA ARG A 384 77.17 7.40 0.32
C ARG A 384 75.79 7.43 -0.35
N GLU A 396 66.61 -8.56 -1.03
CA GLU A 396 65.31 -8.24 -0.48
C GLU A 396 64.22 -9.14 -1.09
N GLU A 397 63.59 -9.94 -0.25
CA GLU A 397 62.59 -10.91 -0.72
C GLU A 397 61.15 -10.55 -0.32
N VAL A 398 60.21 -10.90 -1.19
CA VAL A 398 58.80 -10.61 -0.96
C VAL A 398 58.20 -11.57 0.08
N LYS A 399 57.68 -11.00 1.16
CA LYS A 399 56.97 -11.77 2.18
C LYS A 399 55.55 -12.10 1.70
N PRO A 400 55.34 -13.35 1.26
CA PRO A 400 54.06 -13.76 0.69
C PRO A 400 52.90 -13.62 1.68
N VAL A 401 51.71 -13.38 1.15
CA VAL A 401 50.54 -13.12 1.98
C VAL A 401 49.57 -14.30 1.93
N LYS A 402 49.19 -14.79 3.11
CA LYS A 402 48.21 -15.87 3.19
C LYS A 402 46.88 -15.38 3.75
N GLU A 403 45.83 -15.50 2.95
CA GLU A 403 44.49 -15.20 3.42
C GLU A 403 43.62 -16.46 3.37
N PRO A 404 42.81 -16.68 4.42
CA PRO A 404 41.91 -17.83 4.49
C PRO A 404 40.89 -17.83 3.36
N ASP A 405 40.38 -16.64 3.02
CA ASP A 405 39.32 -16.51 2.02
C ASP A 405 39.79 -16.84 0.60
N ILE A 406 41.10 -16.93 0.40
CA ILE A 406 41.66 -17.10 -0.94
C ILE A 406 42.26 -18.49 -1.17
N LYS A 407 41.70 -19.22 -2.14
CA LYS A 407 42.22 -20.53 -2.51
C LYS A 407 42.96 -20.45 -3.84
N PHE B 5 -10.68 2.59 19.01
CA PHE B 5 -10.15 1.45 19.76
C PHE B 5 -9.45 1.91 21.04
N THR B 6 -8.57 2.91 20.91
CA THR B 6 -7.93 3.53 22.07
C THR B 6 -7.80 5.04 21.88
N MET B 7 -7.89 5.79 22.98
CA MET B 7 -7.68 7.23 22.93
C MET B 7 -6.59 7.65 23.91
N THR B 8 -5.54 8.28 23.39
CA THR B 8 -4.48 8.81 24.24
C THR B 8 -4.41 10.34 24.15
N HIS B 9 -5.05 11.00 25.11
CA HIS B 9 -5.00 12.45 25.19
C HIS B 9 -4.69 12.88 26.62
N TRP B 10 -4.15 14.08 26.76
CA TRP B 10 -4.01 14.68 28.07
C TRP B 10 -4.49 16.13 27.99
N PHE B 11 -5.62 16.39 28.63
CA PHE B 11 -6.21 17.73 28.63
C PHE B 11 -6.11 18.41 29.99
N HIS B 12 -5.53 19.61 30.01
CA HIS B 12 -5.55 20.45 31.20
C HIS B 12 -6.95 21.02 31.42
N ARG B 13 -7.45 20.93 32.64
CA ARG B 13 -8.77 21.47 32.95
C ARG B 13 -8.69 22.44 34.13
N ASN B 14 -9.21 23.64 33.94
CA ASN B 14 -9.35 24.57 35.03
C ASN B 14 -10.52 24.16 35.90
N PRO B 15 -10.57 24.64 37.16
CA PRO B 15 -11.64 24.22 38.06
C PRO B 15 -13.01 24.71 37.60
N LEU B 16 -14.06 24.03 38.02
CA LEU B 16 -15.42 24.47 37.76
C LEU B 16 -15.67 25.77 38.52
N LYS B 17 -16.71 26.49 38.12
CA LYS B 17 -17.14 27.67 38.85
C LYS B 17 -18.13 27.26 39.93
N ALA B 18 -18.06 27.93 41.08
CA ALA B 18 -18.96 27.66 42.19
C ALA B 18 -19.78 28.89 42.52
N THR B 19 -20.99 28.67 43.06
CA THR B 19 -21.91 29.77 43.28
C THR B 19 -22.59 29.66 44.64
N ALA B 20 -23.00 30.79 45.19
CA ALA B 20 -23.82 30.79 46.40
C ALA B 20 -25.26 30.47 46.01
N PRO B 21 -25.88 29.54 46.76
CA PRO B 21 -27.26 29.12 46.48
C PRO B 21 -28.23 30.29 46.41
N VAL B 22 -29.30 30.15 45.61
CA VAL B 22 -30.31 31.18 45.50
C VAL B 22 -31.69 30.61 45.84
N SER B 23 -32.32 31.18 46.86
CA SER B 23 -33.64 30.73 47.29
C SER B 23 -34.71 31.13 46.28
N PHE B 24 -34.53 32.31 45.68
CA PHE B 24 -35.50 32.88 44.76
C PHE B 24 -36.74 33.39 45.50
N ASN B 25 -36.72 33.24 46.82
CA ASN B 25 -37.79 33.75 47.66
C ASN B 25 -37.74 35.25 47.78
N TYR B 26 -38.88 35.89 47.56
CA TYR B 26 -39.06 37.30 47.85
C TYR B 26 -40.43 37.48 48.46
N TYR B 27 -40.65 36.73 49.54
CA TYR B 27 -41.96 36.56 50.15
C TYR B 27 -42.91 37.73 49.96
N GLY B 28 -42.44 38.94 50.22
CA GLY B 28 -43.28 40.12 50.15
C GLY B 28 -43.82 40.42 48.77
N VAL B 29 -42.94 40.50 47.79
CA VAL B 29 -43.29 40.97 46.45
C VAL B 29 -44.01 39.93 45.59
N VAL B 30 -43.72 38.65 45.81
CA VAL B 30 -44.33 37.60 45.00
C VAL B 30 -45.74 37.28 45.48
N THR B 31 -46.72 37.48 44.60
CA THR B 31 -48.12 37.25 44.93
C THR B 31 -48.77 36.26 43.96
N GLY B 32 -49.68 35.43 44.47
CA GLY B 32 -50.38 34.48 43.65
C GLY B 32 -49.67 33.13 43.57
N PRO B 33 -50.41 32.09 43.18
CA PRO B 33 -49.89 30.72 43.12
C PRO B 33 -48.86 30.51 42.00
N SER B 34 -49.18 30.94 40.79
CA SER B 34 -48.29 30.75 39.65
C SER B 34 -47.00 31.55 39.79
N ALA B 35 -47.10 32.73 40.40
CA ALA B 35 -45.93 33.53 40.68
C ALA B 35 -45.01 32.80 41.66
N SER B 36 -45.62 31.99 42.51
CA SER B 36 -44.86 31.14 43.43
C SER B 36 -44.25 29.96 42.68
N LYS B 37 -45.01 29.41 41.74
CA LYS B 37 -44.57 28.27 40.94
C LYS B 37 -43.19 28.52 40.32
N ILE B 38 -43.08 29.59 39.54
CA ILE B 38 -41.83 29.90 38.86
C ILE B 38 -40.68 30.13 39.83
N CYS B 39 -40.99 30.68 41.01
CA CYS B 39 -39.98 30.88 42.03
C CYS B 39 -39.50 29.55 42.60
N ASN B 40 -40.42 28.61 42.76
CA ASN B 40 -40.07 27.26 43.22
C ASN B 40 -39.29 26.48 42.17
N ASP B 41 -39.71 26.59 40.91
CA ASP B 41 -39.05 25.88 39.82
C ASP B 41 -37.65 26.47 39.56
N LEU B 42 -37.56 27.79 39.60
CA LEU B 42 -36.28 28.47 39.48
C LEU B 42 -35.29 27.94 40.52
N ARG B 43 -35.79 27.72 41.74
CA ARG B 43 -34.93 27.23 42.82
C ARG B 43 -34.51 25.79 42.62
N SER B 44 -35.48 24.94 42.26
CA SER B 44 -35.23 23.50 42.13
C SER B 44 -34.43 23.16 40.86
N SER B 45 -34.71 23.85 39.76
CA SER B 45 -34.01 23.58 38.51
C SER B 45 -32.58 24.11 38.55
N ARG B 46 -32.37 25.22 39.26
CA ARG B 46 -31.02 25.74 39.47
C ARG B 46 -30.23 24.80 40.37
N ALA B 47 -30.89 24.33 41.43
CA ALA B 47 -30.26 23.37 42.32
C ALA B 47 -29.92 22.07 41.60
N ARG B 48 -30.88 21.56 40.83
CA ARG B 48 -30.69 20.30 40.12
C ARG B 48 -29.60 20.42 39.05
N LEU B 49 -29.47 21.61 38.47
CA LEU B 49 -28.43 21.86 37.48
C LEU B 49 -27.06 21.91 38.15
N LEU B 50 -26.97 22.62 39.27
CA LEU B 50 -25.72 22.72 40.01
C LEU B 50 -25.25 21.34 40.51
N GLU B 51 -26.20 20.48 40.86
CA GLU B 51 -25.90 19.13 41.31
C GLU B 51 -25.29 18.30 40.20
N LEU B 52 -25.84 18.42 38.99
CA LEU B 52 -25.42 17.60 37.87
C LEU B 52 -23.98 17.87 37.45
N PHE B 53 -23.49 19.07 37.73
CA PHE B 53 -22.12 19.43 37.39
C PHE B 53 -21.09 18.49 38.01
N THR B 54 -21.43 17.93 39.17
CA THR B 54 -20.55 16.99 39.85
C THR B 54 -21.06 15.56 39.79
N ASP B 55 -22.31 15.40 39.36
CA ASP B 55 -22.90 14.08 39.19
C ASP B 55 -22.18 13.35 38.07
N LEU B 56 -21.51 12.25 38.40
CA LEU B 56 -20.81 11.45 37.40
C LEU B 56 -21.78 10.65 36.52
N SER B 57 -23.05 10.63 36.91
CA SER B 57 -24.07 9.92 36.14
C SER B 57 -24.44 10.71 34.88
N CYS B 58 -24.32 12.03 34.96
CA CYS B 58 -24.83 12.92 33.94
C CYS B 58 -24.26 12.66 32.55
N ASN B 59 -25.14 12.59 31.56
CA ASN B 59 -24.72 12.53 30.16
C ASN B 59 -25.15 13.82 29.46
N PRO B 60 -24.62 14.08 28.26
CA PRO B 60 -24.91 15.35 27.59
C PRO B 60 -26.39 15.65 27.53
N GLU B 61 -27.20 14.68 27.09
CA GLU B 61 -28.64 14.84 27.01
C GLU B 61 -29.25 15.36 28.33
N MET B 62 -28.91 14.70 29.42
CA MET B 62 -29.38 15.11 30.74
C MET B 62 -28.97 16.56 31.04
N MET B 63 -27.73 16.89 30.72
CA MET B 63 -27.18 18.22 30.98
C MET B 63 -27.88 19.30 30.16
N LYS B 64 -28.00 19.06 28.85
CA LYS B 64 -28.75 19.96 27.98
C LYS B 64 -30.16 20.13 28.51
N ASN B 65 -30.71 19.04 29.02
CA ASN B 65 -32.06 19.02 29.54
C ASN B 65 -32.23 19.87 30.78
N ALA B 66 -31.30 19.73 31.73
CA ALA B 66 -31.36 20.48 32.98
C ALA B 66 -31.05 21.96 32.77
N ALA B 67 -30.09 22.23 31.89
CA ALA B 67 -29.77 23.60 31.54
C ALA B 67 -30.94 24.31 30.87
N ASP B 68 -31.61 23.63 29.96
CA ASP B 68 -32.78 24.20 29.28
C ASP B 68 -33.90 24.54 30.26
N SER B 69 -34.18 23.62 31.18
CA SER B 69 -35.20 23.85 32.19
C SER B 69 -34.94 25.14 32.94
N TYR B 70 -33.77 25.23 33.56
CA TYR B 70 -33.40 26.41 34.32
C TYR B 70 -33.35 27.67 33.45
N PHE B 71 -32.60 27.59 32.35
CA PHE B 71 -32.46 28.75 31.46
C PHE B 71 -33.79 29.30 30.95
N SER B 72 -34.72 28.41 30.62
CA SER B 72 -36.02 28.86 30.12
C SER B 72 -36.79 29.66 31.16
N LEU B 73 -36.60 29.30 32.43
CA LEU B 73 -37.23 30.01 33.53
C LEU B 73 -36.47 31.28 33.89
N LEU B 74 -35.15 31.26 33.69
CA LEU B 74 -34.30 32.38 34.08
C LEU B 74 -34.48 33.58 33.14
N GLN B 75 -34.75 33.30 31.87
CA GLN B 75 -34.85 34.37 30.88
C GLN B 75 -36.06 35.29 31.07
N GLY B 76 -36.94 34.91 32.00
CA GLY B 76 -38.04 35.77 32.38
C GLY B 76 -37.51 37.03 33.04
N PHE B 77 -36.35 36.92 33.70
CA PHE B 77 -35.73 38.05 34.36
C PHE B 77 -34.96 38.94 33.38
N ILE B 78 -34.79 38.46 32.16
CA ILE B 78 -33.93 39.14 31.20
C ILE B 78 -34.66 39.58 29.94
N ASN B 79 -35.46 38.70 29.36
CA ASN B 79 -36.12 38.98 28.09
C ASN B 79 -37.55 39.45 28.26
N SER B 80 -37.99 40.31 27.34
CA SER B 80 -39.36 40.80 27.33
C SER B 80 -40.30 39.71 26.86
N LEU B 81 -41.51 39.70 27.40
CA LEU B 81 -42.56 38.82 26.91
C LEU B 81 -43.26 39.54 25.76
N ASP B 82 -43.51 40.83 25.96
CA ASP B 82 -44.14 41.68 24.94
C ASP B 82 -43.63 41.36 23.54
N GLU B 83 -42.35 40.98 23.46
CA GLU B 83 -41.63 41.03 22.21
C GLU B 83 -41.52 42.50 21.83
N SER B 84 -41.59 43.37 22.84
CA SER B 84 -41.52 44.80 22.63
C SER B 84 -40.59 45.46 23.62
N THR B 85 -41.04 45.59 24.86
CA THR B 85 -40.29 46.29 25.91
C THR B 85 -38.84 45.83 25.92
N GLN B 86 -37.95 46.75 26.26
CA GLN B 86 -36.51 46.51 26.18
C GLN B 86 -36.09 45.22 26.90
N GLU B 87 -36.23 45.23 28.21
CA GLU B 87 -35.80 44.11 29.04
C GLU B 87 -36.79 43.87 30.17
N SER B 88 -36.72 42.68 30.76
CA SER B 88 -37.58 42.35 31.89
C SER B 88 -37.34 43.30 33.06
N LYS B 89 -38.41 43.65 33.77
CA LYS B 89 -38.31 44.53 34.92
C LYS B 89 -37.62 43.79 36.07
N LEU B 90 -37.30 42.52 35.85
CA LEU B 90 -36.76 41.67 36.90
C LEU B 90 -35.25 41.49 36.81
N ARG B 91 -34.62 42.14 35.82
CA ARG B 91 -33.21 41.92 35.55
C ARG B 91 -32.29 42.17 36.74
N TYR B 92 -32.62 43.17 37.55
CA TYR B 92 -31.73 43.58 38.64
C TYR B 92 -32.28 43.25 40.01
N ILE B 93 -33.22 42.31 40.06
CA ILE B 93 -33.85 41.91 41.31
C ILE B 93 -32.90 41.13 42.23
N GLN B 94 -32.15 40.19 41.66
CA GLN B 94 -31.34 39.28 42.46
C GLN B 94 -29.83 39.47 42.31
N ASN B 95 -29.10 39.04 43.32
CA ASN B 95 -27.64 39.13 43.33
C ASN B 95 -27.02 37.74 43.26
N PHE B 96 -26.11 37.56 42.30
CA PHE B 96 -25.49 36.26 42.07
C PHE B 96 -23.98 36.30 42.31
N LYS B 97 -23.49 35.38 43.13
CA LYS B 97 -22.05 35.29 43.43
C LYS B 97 -21.42 34.05 42.79
N TRP B 98 -20.37 34.26 42.01
CA TRP B 98 -19.67 33.17 41.35
C TRP B 98 -18.17 33.27 41.57
N THR B 99 -17.54 32.13 41.85
CA THR B 99 -16.09 32.04 41.80
C THR B 99 -15.69 31.96 40.33
N ASP B 100 -14.45 32.29 40.03
CA ASP B 100 -13.98 32.21 38.65
C ASP B 100 -12.83 31.22 38.50
N THR B 101 -12.70 30.66 37.29
CA THR B 101 -11.78 29.55 37.06
C THR B 101 -10.34 29.82 37.49
N LEU B 102 -9.86 31.04 37.25
CA LEU B 102 -8.46 31.38 37.55
C LEU B 102 -8.27 32.12 38.88
N GLN B 103 -9.36 32.33 39.62
CA GLN B 103 -9.30 33.23 40.77
C GLN B 103 -9.52 32.56 42.12
N GLY B 104 -9.30 31.26 42.18
CA GLY B 104 -9.44 30.52 43.42
C GLY B 104 -10.82 30.68 44.02
N GLN B 105 -10.87 30.97 45.32
CA GLN B 105 -12.14 31.08 46.03
C GLN B 105 -12.65 32.50 46.12
N VAL B 106 -11.90 33.44 45.55
CA VAL B 106 -12.28 34.85 45.57
C VAL B 106 -13.42 35.13 44.59
N PRO B 107 -14.62 35.40 45.13
CA PRO B 107 -15.84 35.56 44.34
C PRO B 107 -16.01 36.94 43.72
N SER B 108 -16.82 37.01 42.68
CA SER B 108 -17.30 38.27 42.11
C SER B 108 -18.83 38.22 42.18
N ALA B 109 -19.46 39.38 42.27
CA ALA B 109 -20.91 39.42 42.40
C ALA B 109 -21.54 40.53 41.57
N GLN B 110 -22.74 40.26 41.06
CA GLN B 110 -23.51 41.24 40.32
C GLN B 110 -25.00 41.03 40.55
N GLN B 111 -25.73 42.13 40.65
CA GLN B 111 -27.18 42.08 40.76
C GLN B 111 -27.78 42.14 39.36
N ASP B 112 -27.29 41.28 38.48
CA ASP B 112 -27.72 41.29 37.08
C ASP B 112 -28.00 39.87 36.62
N ALA B 113 -29.22 39.63 36.15
CA ALA B 113 -29.61 38.29 35.72
C ALA B 113 -28.71 37.79 34.58
N VAL B 114 -28.30 38.71 33.72
CA VAL B 114 -27.40 38.36 32.61
C VAL B 114 -26.12 37.76 33.17
N PHE B 115 -25.58 38.39 34.20
CA PHE B 115 -24.39 37.89 34.88
C PHE B 115 -24.58 36.43 35.30
N GLU B 116 -25.76 36.11 35.83
CA GLU B 116 -26.10 34.74 36.20
C GLU B 116 -26.17 33.82 34.98
N LEU B 117 -26.88 34.29 33.95
CA LEU B 117 -27.03 33.52 32.73
C LEU B 117 -25.68 33.19 32.11
N ILE B 118 -24.82 34.20 32.01
CA ILE B 118 -23.51 34.01 31.39
C ILE B 118 -22.62 33.12 32.26
N SER B 119 -22.61 33.39 33.57
CA SER B 119 -21.80 32.60 34.48
C SER B 119 -22.23 31.13 34.48
N MET B 120 -23.53 30.89 34.56
CA MET B 120 -24.06 29.53 34.50
C MET B 120 -23.74 28.89 33.16
N GLY B 121 -24.07 29.58 32.07
CA GLY B 121 -23.79 29.09 30.74
C GLY B 121 -22.32 28.76 30.58
N PHE B 122 -21.46 29.63 31.10
CA PHE B 122 -20.03 29.37 31.07
C PHE B 122 -19.74 28.04 31.74
N ASN B 123 -20.36 27.80 32.90
CA ASN B 123 -20.14 26.55 33.62
C ASN B 123 -20.62 25.33 32.83
N VAL B 124 -21.74 25.48 32.13
CA VAL B 124 -22.26 24.41 31.30
C VAL B 124 -21.25 24.05 30.21
N ALA B 125 -20.77 25.07 29.49
CA ALA B 125 -19.73 24.86 28.48
C ALA B 125 -18.52 24.15 29.11
N LEU B 126 -18.15 24.61 30.30
CA LEU B 126 -17.02 24.05 31.01
C LEU B 126 -17.24 22.56 31.30
N TRP B 127 -18.45 22.23 31.74
CA TRP B 127 -18.81 20.85 32.02
C TRP B 127 -18.66 19.96 30.79
N TYR B 128 -19.07 20.45 29.62
CA TYR B 128 -18.96 19.68 28.40
C TYR B 128 -17.50 19.32 28.12
N THR B 129 -16.59 20.25 28.39
CA THR B 129 -15.17 20.01 28.18
C THR B 129 -14.61 18.98 29.15
N LYS B 130 -15.16 18.95 30.36
CA LYS B 130 -14.74 17.99 31.37
C LYS B 130 -15.35 16.63 31.09
N TYR B 131 -16.59 16.63 30.60
CA TYR B 131 -17.22 15.38 30.19
C TYR B 131 -16.37 14.75 29.09
N ALA B 132 -15.91 15.58 28.16
CA ALA B 132 -15.09 15.07 27.06
C ALA B 132 -13.78 14.46 27.52
N SER B 133 -13.06 15.14 28.41
CA SER B 133 -11.76 14.66 28.88
C SER B 133 -11.87 13.40 29.74
N ARG B 134 -12.86 13.36 30.62
CA ARG B 134 -13.11 12.13 31.40
C ARG B 134 -13.40 10.95 30.47
N LEU B 135 -14.31 11.15 29.53
CA LEU B 135 -14.72 10.08 28.62
C LEU B 135 -13.56 9.61 27.74
N ALA B 136 -12.77 10.56 27.24
CA ALA B 136 -11.61 10.22 26.42
C ALA B 136 -10.62 9.37 27.20
N GLY B 137 -10.79 9.33 28.51
CA GLY B 137 -9.94 8.52 29.36
C GLY B 137 -10.56 7.20 29.77
N LYS B 138 -11.81 6.97 29.36
CA LYS B 138 -12.47 5.70 29.64
C LYS B 138 -11.63 4.53 29.11
N GLU B 139 -11.55 3.46 29.90
CA GLU B 139 -10.59 2.40 29.65
C GLU B 139 -10.84 1.62 28.35
N ASN B 140 -12.10 1.25 28.10
CA ASN B 140 -12.44 0.55 26.88
C ASN B 140 -13.43 1.34 26.04
N ILE B 141 -13.02 2.56 25.70
CA ILE B 141 -13.88 3.50 25.00
C ILE B 141 -14.36 2.96 23.66
N THR B 142 -15.66 3.10 23.39
CA THR B 142 -16.23 2.68 22.11
C THR B 142 -16.14 3.82 21.10
N GLU B 143 -16.20 3.49 19.81
CA GLU B 143 -16.12 4.49 18.76
C GLU B 143 -17.21 5.55 18.89
N ASP B 144 -18.42 5.13 19.24
CA ASP B 144 -19.53 6.07 19.44
C ASP B 144 -19.27 7.02 20.60
N GLU B 145 -18.45 6.58 21.55
CA GLU B 145 -18.07 7.42 22.68
C GLU B 145 -16.98 8.41 22.26
N ALA B 146 -16.01 7.94 21.48
CA ALA B 146 -14.99 8.82 20.94
C ALA B 146 -15.61 9.91 20.08
N LYS B 147 -16.71 9.57 19.41
CA LYS B 147 -17.42 10.53 18.58
C LYS B 147 -18.08 11.57 19.46
N GLU B 148 -18.52 11.15 20.65
CA GLU B 148 -19.20 12.03 21.60
C GLU B 148 -18.21 12.97 22.28
N VAL B 149 -16.96 12.53 22.40
CA VAL B 149 -15.90 13.39 22.92
C VAL B 149 -15.74 14.56 21.97
N HIS B 150 -15.54 14.24 20.69
CA HIS B 150 -15.42 15.25 19.65
C HIS B 150 -16.59 16.25 19.67
N ARG B 151 -17.80 15.72 19.75
CA ARG B 151 -19.02 16.54 19.70
C ARG B 151 -19.21 17.43 20.94
N SER B 152 -18.83 16.92 22.11
CA SER B 152 -18.94 17.71 23.33
C SER B 152 -18.01 18.91 23.27
N LEU B 153 -16.80 18.70 22.79
CA LEU B 153 -15.84 19.77 22.63
C LEU B 153 -16.34 20.85 21.66
N LYS B 154 -17.07 20.43 20.64
CA LYS B 154 -17.65 21.38 19.67
C LYS B 154 -18.85 22.12 20.26
N ILE B 155 -19.63 21.42 21.09
CA ILE B 155 -20.76 22.05 21.77
C ILE B 155 -20.27 23.12 22.74
N ALA B 156 -19.21 22.81 23.48
CA ALA B 156 -18.63 23.76 24.43
C ALA B 156 -18.15 25.01 23.70
N ALA B 157 -17.48 24.83 22.58
CA ALA B 157 -16.97 25.95 21.79
C ALA B 157 -18.12 26.89 21.40
N GLY B 158 -19.21 26.29 20.91
CA GLY B 158 -20.36 27.05 20.46
C GLY B 158 -21.03 27.83 21.56
N ILE B 159 -21.11 27.25 22.75
CA ILE B 159 -21.68 27.93 23.91
C ILE B 159 -20.79 29.11 24.30
N PHE B 160 -19.50 28.84 24.47
CA PHE B 160 -18.53 29.89 24.77
C PHE B 160 -18.65 31.00 23.74
N LYS B 161 -18.65 30.62 22.46
CA LYS B 161 -18.75 31.59 21.37
C LYS B 161 -20.01 32.43 21.48
N HIS B 162 -21.15 31.79 21.75
CA HIS B 162 -22.40 32.52 21.87
C HIS B 162 -22.37 33.51 23.02
N LEU B 163 -21.93 33.05 24.18
CA LEU B 163 -21.82 33.93 25.35
C LEU B 163 -21.05 35.20 25.00
N LYS B 164 -19.86 35.03 24.43
CA LYS B 164 -19.01 36.17 24.07
C LYS B 164 -19.67 37.07 23.05
N GLU B 165 -20.18 36.48 21.97
CA GLU B 165 -20.76 37.24 20.87
C GLU B 165 -21.98 38.05 21.26
N SER B 166 -23.01 37.39 21.79
CA SER B 166 -24.31 38.04 21.92
C SER B 166 -24.86 38.15 23.34
N HIS B 167 -24.01 38.04 24.35
CA HIS B 167 -24.47 38.18 25.74
C HIS B 167 -23.52 38.99 26.62
N LEU B 168 -22.22 38.89 26.34
CA LEU B 168 -21.21 39.60 27.12
C LEU B 168 -21.30 41.13 26.99
N PRO B 169 -21.68 41.63 25.81
CA PRO B 169 -21.83 43.09 25.65
C PRO B 169 -23.00 43.65 26.47
N LYS B 170 -23.91 42.79 26.91
CA LYS B 170 -25.06 43.22 27.69
C LYS B 170 -24.72 43.60 29.13
N LEU B 171 -23.58 43.09 29.61
CA LEU B 171 -23.20 43.32 31.00
C LEU B 171 -23.00 44.80 31.30
N ILE B 172 -23.66 45.27 32.35
CA ILE B 172 -23.56 46.66 32.76
C ILE B 172 -22.18 46.97 33.35
N THR B 173 -21.74 46.13 34.29
CA THR B 173 -20.39 46.24 34.83
C THR B 173 -19.48 45.24 34.10
N PRO B 174 -18.52 45.75 33.33
CA PRO B 174 -17.58 44.85 32.66
C PRO B 174 -16.76 44.07 33.68
N ALA B 175 -16.39 42.83 33.36
CA ALA B 175 -15.58 42.03 34.27
C ALA B 175 -14.12 42.41 34.16
N GLU B 176 -13.39 42.31 35.26
CA GLU B 176 -11.98 42.64 35.30
C GLU B 176 -11.14 41.56 34.63
N LYS B 177 -9.90 41.88 34.29
CA LYS B 177 -8.97 40.89 33.77
C LYS B 177 -8.91 39.72 34.74
N GLY B 178 -8.74 38.51 34.22
CA GLY B 178 -8.59 37.33 35.07
C GLY B 178 -9.90 36.65 35.36
N ARG B 179 -11.00 37.33 35.04
CA ARG B 179 -12.35 36.82 35.31
C ARG B 179 -12.94 36.12 34.09
N ASP B 180 -13.74 35.09 34.35
CA ASP B 180 -14.32 34.28 33.28
C ASP B 180 -15.16 35.09 32.30
N LEU B 181 -15.91 36.07 32.81
CA LEU B 181 -16.80 36.85 31.95
C LEU B 181 -16.06 38.01 31.29
N GLU B 182 -14.98 37.69 30.58
CA GLU B 182 -14.19 38.69 29.89
C GLU B 182 -13.82 38.20 28.49
N SER B 183 -13.98 39.06 27.48
CA SER B 183 -13.87 38.65 26.08
C SER B 183 -12.63 37.83 25.74
N ARG B 184 -11.48 38.24 26.27
CA ARG B 184 -10.21 37.56 25.96
C ARG B 184 -10.15 36.16 26.57
N LEU B 185 -10.78 35.99 27.73
CA LEU B 185 -10.76 34.70 28.42
C LEU B 185 -11.72 33.70 27.76
N ILE B 186 -12.89 34.17 27.36
CA ILE B 186 -13.85 33.32 26.68
C ILE B 186 -13.32 32.95 25.30
N GLU B 187 -12.78 33.92 24.58
CA GLU B 187 -12.24 33.70 23.25
C GLU B 187 -11.25 32.55 23.25
N ALA B 188 -10.42 32.48 24.29
CA ALA B 188 -9.41 31.43 24.40
C ALA B 188 -10.03 30.05 24.65
N TYR B 189 -11.18 30.02 25.31
CA TYR B 189 -11.88 28.75 25.55
C TYR B 189 -12.48 28.22 24.24
N VAL B 190 -12.99 29.12 23.41
CA VAL B 190 -13.52 28.73 22.11
C VAL B 190 -12.41 28.07 21.29
N ILE B 191 -11.32 28.79 21.10
CA ILE B 191 -10.19 28.29 20.32
C ILE B 191 -9.69 26.96 20.87
N GLN B 192 -9.47 26.91 22.18
CA GLN B 192 -9.00 25.70 22.84
C GLN B 192 -9.93 24.51 22.57
N CYS B 193 -11.24 24.74 22.72
CA CYS B 193 -12.21 23.68 22.48
C CYS B 193 -12.09 23.14 21.05
N GLN B 194 -11.92 24.06 20.10
CA GLN B 194 -11.73 23.64 18.71
C GLN B 194 -10.46 22.82 18.54
N ALA B 195 -9.38 23.29 19.16
CA ALA B 195 -8.09 22.63 19.01
C ALA B 195 -8.09 21.24 19.66
N GLU B 196 -8.73 21.12 20.81
CA GLU B 196 -8.83 19.82 21.47
C GLU B 196 -9.69 18.86 20.64
N ALA B 197 -10.70 19.41 19.97
CA ALA B 197 -11.55 18.61 19.10
C ALA B 197 -10.76 18.04 17.93
N GLN B 198 -9.83 18.85 17.42
CA GLN B 198 -9.02 18.42 16.29
C GLN B 198 -7.99 17.36 16.68
N GLU B 199 -7.60 17.34 17.96
CA GLU B 199 -6.70 16.30 18.43
C GLU B 199 -7.32 14.95 18.17
N VAL B 200 -8.59 14.79 18.54
CA VAL B 200 -9.30 13.55 18.29
C VAL B 200 -9.28 13.22 16.80
N THR B 201 -9.57 14.22 15.97
CA THR B 201 -9.58 14.02 14.52
C THR B 201 -8.22 13.57 14.01
N ILE B 202 -7.16 14.19 14.53
CA ILE B 202 -5.78 13.82 14.15
C ILE B 202 -5.44 12.38 14.52
N ALA B 203 -5.82 11.96 15.73
CA ALA B 203 -5.55 10.60 16.18
C ALA B 203 -6.17 9.56 15.24
N ARG B 204 -7.43 9.77 14.87
CA ARG B 204 -8.14 8.86 13.98
C ARG B 204 -7.50 8.83 12.60
N ALA B 205 -7.23 10.01 12.04
CA ALA B 205 -6.62 10.10 10.72
C ALA B 205 -5.33 9.31 10.66
N ILE B 206 -4.69 9.16 11.82
CA ILE B 206 -3.45 8.39 11.95
C ILE B 206 -3.72 6.90 12.12
N GLU B 207 -4.72 6.57 12.94
CA GLU B 207 -5.16 5.19 13.12
C GLU B 207 -5.74 4.64 11.81
N LEU B 208 -6.50 5.47 11.10
CA LEU B 208 -7.09 5.09 9.82
C LEU B 208 -6.10 5.26 8.67
N LYS B 209 -4.82 5.37 9.00
CA LYS B 209 -3.75 5.41 8.01
C LYS B 209 -4.05 6.34 6.83
N HIS B 210 -4.36 7.60 7.12
CA HIS B 210 -4.59 8.58 6.07
C HIS B 210 -3.28 9.10 5.50
N ALA B 211 -3.37 9.84 4.40
CA ALA B 211 -2.19 10.42 3.76
C ALA B 211 -1.46 11.30 4.77
N PRO B 212 -0.11 11.25 4.76
CA PRO B 212 0.68 12.04 5.72
C PRO B 212 0.49 13.53 5.48
N GLY B 213 0.09 13.92 4.28
CA GLY B 213 -0.07 15.32 3.95
C GLY B 213 -1.24 15.96 4.66
N LEU B 214 -2.34 15.23 4.73
CA LEU B 214 -3.54 15.70 5.41
C LEU B 214 -3.31 15.81 6.92
N ILE B 215 -2.67 14.79 7.48
CA ILE B 215 -2.38 14.77 8.90
C ILE B 215 -1.49 15.94 9.31
N ALA B 216 -0.41 16.14 8.55
CA ALA B 216 0.52 17.23 8.83
C ALA B 216 -0.20 18.57 8.80
N ALA B 217 -1.10 18.74 7.83
CA ALA B 217 -1.87 19.98 7.72
C ALA B 217 -2.81 20.15 8.90
N LEU B 218 -3.48 19.08 9.30
CA LEU B 218 -4.33 19.11 10.47
C LEU B 218 -3.54 19.45 11.73
N ALA B 219 -2.37 18.82 11.86
CA ALA B 219 -1.53 19.06 13.04
C ALA B 219 -1.02 20.49 13.06
N TYR B 220 -0.69 21.02 11.89
CA TYR B 220 -0.21 22.40 11.80
C TYR B 220 -1.27 23.41 12.22
N GLU B 221 -2.50 23.24 11.74
CA GLU B 221 -3.58 24.16 12.07
C GLU B 221 -3.93 24.07 13.56
N THR B 222 -3.83 22.87 14.12
CA THR B 222 -4.09 22.65 15.53
C THR B 222 -3.07 23.38 16.37
N ALA B 223 -1.81 23.32 15.96
CA ALA B 223 -0.75 24.05 16.64
C ALA B 223 -1.02 25.55 16.58
N ASN B 224 -1.51 26.02 15.44
CA ASN B 224 -1.85 27.44 15.27
C ASN B 224 -3.01 27.85 16.15
N PHE B 225 -3.98 26.95 16.32
CA PHE B 225 -5.07 27.17 17.27
C PHE B 225 -4.51 27.37 18.67
N TYR B 226 -3.70 26.42 19.12
CA TYR B 226 -3.11 26.52 20.45
C TYR B 226 -2.28 27.80 20.58
N GLN B 227 -1.56 28.15 19.53
CA GLN B 227 -0.73 29.35 19.54
C GLN B 227 -1.59 30.60 19.71
N LYS B 228 -2.68 30.67 18.95
CA LYS B 228 -3.60 31.80 19.02
C LYS B 228 -4.23 31.91 20.41
N ALA B 229 -4.51 30.77 21.01
CA ALA B 229 -5.08 30.72 22.36
C ALA B 229 -4.09 31.29 23.38
N ASP B 230 -2.83 30.91 23.24
CA ASP B 230 -1.78 31.40 24.12
C ASP B 230 -1.69 32.91 23.99
N HIS B 231 -1.62 33.39 22.75
CA HIS B 231 -1.49 34.81 22.47
C HIS B 231 -2.69 35.61 22.97
N THR B 232 -3.86 34.98 23.00
CA THR B 232 -5.08 35.66 23.43
C THR B 232 -5.08 35.88 24.95
N LEU B 233 -4.31 35.06 25.67
CA LEU B 233 -4.22 35.20 27.13
C LEU B 233 -2.97 35.98 27.54
N SER B 234 -2.26 36.56 26.58
CA SER B 234 -1.03 37.28 26.87
C SER B 234 -1.25 38.45 27.84
N SER B 235 -2.41 39.09 27.72
CA SER B 235 -2.74 40.26 28.53
C SER B 235 -2.78 39.96 30.03
N LEU B 236 -3.23 38.76 30.39
CA LEU B 236 -3.43 38.41 31.79
C LEU B 236 -2.12 38.37 32.58
N GLU B 237 -2.23 38.46 33.91
CA GLU B 237 -1.06 38.42 34.78
C GLU B 237 -0.61 36.99 35.03
N PRO B 238 0.71 36.75 34.93
CA PRO B 238 1.32 35.43 35.04
C PRO B 238 0.89 34.67 36.29
N ALA B 239 0.63 35.40 37.37
CA ALA B 239 0.30 34.75 38.64
C ALA B 239 -0.81 33.69 38.50
N TYR B 240 -1.87 34.03 37.77
CA TYR B 240 -3.03 33.15 37.67
C TYR B 240 -3.25 32.53 36.28
N SER B 241 -2.47 32.94 35.29
CA SER B 241 -2.69 32.49 33.92
C SER B 241 -1.52 31.71 33.33
N ALA B 242 -0.43 31.60 34.09
CA ALA B 242 0.81 31.02 33.57
C ALA B 242 0.73 29.51 33.34
N LYS B 243 0.08 28.80 34.25
CA LYS B 243 -0.03 27.35 34.16
C LYS B 243 -0.81 26.97 32.90
N TRP B 244 -1.90 27.69 32.68
CA TRP B 244 -2.76 27.45 31.54
C TRP B 244 -2.07 27.80 30.21
N ARG B 245 -1.26 28.87 30.22
CA ARG B 245 -0.54 29.25 29.02
C ARG B 245 0.57 28.25 28.71
N LYS B 246 1.17 27.67 29.74
CA LYS B 246 2.17 26.62 29.57
C LYS B 246 1.57 25.46 28.80
N TYR B 247 0.41 25.01 29.24
CA TYR B 247 -0.33 23.93 28.59
C TYR B 247 -0.53 24.26 27.11
N LEU B 248 -1.10 25.42 26.83
CA LEU B 248 -1.37 25.84 25.47
C LEU B 248 -0.09 25.93 24.65
N HIS B 249 1.01 26.31 25.30
CA HIS B 249 2.28 26.45 24.61
C HIS B 249 2.87 25.08 24.27
N LEU B 250 2.78 24.13 25.19
CA LEU B 250 3.36 22.82 24.93
C LEU B 250 2.56 22.05 23.88
N LYS B 251 1.25 22.28 23.83
CA LYS B 251 0.41 21.68 22.81
C LYS B 251 0.75 22.26 21.44
N MET B 252 1.03 23.56 21.40
CA MET B 252 1.47 24.20 20.16
C MET B 252 2.75 23.54 19.66
N CYS B 253 3.73 23.39 20.55
CA CYS B 253 4.99 22.75 20.20
C CYS B 253 4.76 21.30 19.83
N PHE B 254 3.91 20.63 20.60
CA PHE B 254 3.63 19.22 20.37
C PHE B 254 3.10 19.01 18.96
N TYR B 255 2.09 19.78 18.57
CA TYR B 255 1.48 19.59 17.25
C TYR B 255 2.28 20.20 16.10
N THR B 256 3.17 21.15 16.40
CA THR B 256 4.12 21.58 15.38
C THR B 256 5.06 20.41 15.11
N ALA B 257 5.36 19.65 16.15
CA ALA B 257 6.19 18.45 16.00
C ALA B 257 5.52 17.42 15.09
N TYR B 258 4.25 17.11 15.37
CA TYR B 258 3.52 16.19 14.51
C TYR B 258 3.55 16.68 13.07
N ALA B 259 3.41 17.99 12.90
CA ALA B 259 3.40 18.59 11.57
C ALA B 259 4.72 18.35 10.82
N TYR B 260 5.84 18.72 11.42
CA TYR B 260 7.14 18.46 10.81
C TYR B 260 7.37 16.96 10.56
N CYS B 261 6.84 16.14 11.45
CA CYS B 261 7.01 14.71 11.35
C CYS B 261 6.28 14.16 10.12
N TYR B 262 4.98 14.44 10.04
CA TYR B 262 4.19 13.92 8.93
C TYR B 262 4.52 14.62 7.61
N HIS B 263 4.94 15.87 7.66
CA HIS B 263 5.40 16.53 6.45
C HIS B 263 6.66 15.83 5.96
N GLY B 264 7.48 15.37 6.90
CA GLY B 264 8.66 14.60 6.57
C GLY B 264 8.32 13.35 5.78
N GLU B 265 7.26 12.67 6.21
CA GLU B 265 6.76 11.51 5.48
C GLU B 265 6.36 11.90 4.07
N THR B 266 5.72 13.06 3.95
CA THR B 266 5.27 13.53 2.64
C THR B 266 6.46 13.76 1.72
N LEU B 267 7.50 14.37 2.26
CA LEU B 267 8.72 14.61 1.49
C LEU B 267 9.38 13.30 1.08
N LEU B 268 9.48 12.36 2.02
CA LEU B 268 10.06 11.05 1.71
C LEU B 268 9.34 10.42 0.52
N ALA B 269 8.01 10.44 0.56
CA ALA B 269 7.20 9.89 -0.52
C ALA B 269 7.45 10.60 -1.84
N SER B 270 7.91 11.84 -1.76
CA SER B 270 8.24 12.60 -2.97
C SER B 270 9.69 12.41 -3.36
N ASP B 271 10.33 11.38 -2.81
CA ASP B 271 11.73 11.07 -3.11
C ASP B 271 12.68 12.21 -2.72
N LYS B 272 12.25 13.07 -1.81
CA LYS B 272 13.14 14.09 -1.28
C LYS B 272 13.55 13.69 0.14
N CYS B 273 14.36 12.65 0.24
CA CYS B 273 14.73 12.09 1.53
C CYS B 273 15.57 13.04 2.37
N GLY B 274 16.45 13.80 1.72
CA GLY B 274 17.31 14.74 2.41
C GLY B 274 16.49 15.82 3.09
N GLU B 275 15.45 16.29 2.42
CA GLU B 275 14.57 17.30 3.01
C GLU B 275 13.78 16.71 4.15
N ALA B 276 13.36 15.46 3.98
CA ALA B 276 12.61 14.76 5.01
C ALA B 276 13.40 14.69 6.31
N ILE B 277 14.69 14.39 6.20
CA ILE B 277 15.55 14.31 7.38
C ILE B 277 15.52 15.63 8.14
N ARG B 278 15.72 16.72 7.42
CA ARG B 278 15.72 18.05 8.04
C ARG B 278 14.40 18.35 8.71
N SER B 279 13.30 17.96 8.05
CA SER B 279 11.97 18.18 8.61
C SER B 279 11.85 17.45 9.95
N LEU B 280 12.22 16.17 9.96
CA LEU B 280 12.17 15.36 11.18
C LEU B 280 13.15 15.83 12.26
N GLN B 281 14.28 16.38 11.86
CA GLN B 281 15.23 16.95 12.81
C GLN B 281 14.57 18.12 13.54
N GLU B 282 13.76 18.87 12.82
CA GLU B 282 13.03 19.99 13.42
C GLU B 282 11.96 19.47 14.37
N ALA B 283 11.35 18.34 14.01
CA ALA B 283 10.33 17.72 14.83
C ALA B 283 10.89 17.25 16.17
N GLU B 284 12.10 16.71 16.16
CA GLU B 284 12.69 16.23 17.41
C GLU B 284 13.14 17.39 18.29
N LYS B 285 13.48 18.51 17.66
CA LYS B 285 13.70 19.76 18.38
C LYS B 285 12.43 20.13 19.13
N LEU B 286 11.33 20.26 18.40
CA LEU B 286 10.05 20.66 18.97
C LEU B 286 9.53 19.68 20.01
N TYR B 287 9.83 18.39 19.81
CA TYR B 287 9.44 17.38 20.79
C TYR B 287 10.19 17.59 22.08
N ALA B 288 11.47 17.88 21.97
CA ALA B 288 12.29 18.15 23.16
C ALA B 288 11.78 19.37 23.89
N LYS B 289 11.44 20.41 23.14
CA LYS B 289 10.91 21.64 23.72
C LYS B 289 9.59 21.36 24.44
N ALA B 290 8.76 20.51 23.84
CA ALA B 290 7.48 20.17 24.43
C ALA B 290 7.71 19.41 25.74
N GLU B 291 8.76 18.60 25.78
CA GLU B 291 9.09 17.84 26.98
C GLU B 291 9.62 18.74 28.08
N ALA B 292 10.34 19.79 27.70
CA ALA B 292 10.83 20.75 28.67
C ALA B 292 9.66 21.54 29.25
N LEU B 293 8.69 21.86 28.39
CA LEU B 293 7.50 22.59 28.81
C LEU B 293 6.63 21.75 29.74
N CYS B 294 6.64 20.44 29.54
CA CYS B 294 5.91 19.51 30.42
C CYS B 294 6.44 19.57 31.85
N LYS B 295 7.76 19.67 32.00
CA LYS B 295 8.38 19.79 33.31
C LYS B 295 7.98 21.12 33.94
N GLU B 296 8.16 22.19 33.17
CA GLU B 296 7.81 23.52 33.64
C GLU B 296 6.37 23.58 34.10
N TYR B 297 5.46 23.05 33.29
CA TYR B 297 4.06 22.98 33.64
C TYR B 297 3.87 22.35 35.02
N GLY B 298 4.60 21.27 35.27
CA GLY B 298 4.58 20.62 36.57
C GLY B 298 5.07 21.53 37.70
N GLU B 299 6.11 22.29 37.43
CA GLU B 299 6.67 23.21 38.42
C GLU B 299 5.82 24.45 38.62
N THR B 300 5.04 24.80 37.60
CA THR B 300 4.27 26.03 37.60
C THR B 300 3.02 25.95 38.47
N LYS B 301 2.83 26.96 39.30
CA LYS B 301 1.70 26.99 40.24
C LYS B 301 0.45 27.58 39.61
N GLY B 302 -0.70 27.07 40.02
CA GLY B 302 -1.98 27.48 39.48
C GLY B 302 -2.95 26.31 39.58
N PRO B 303 -4.24 26.57 39.28
CA PRO B 303 -5.24 25.49 39.30
C PRO B 303 -4.93 24.44 38.23
N GLY B 304 -4.93 23.16 38.59
CA GLY B 304 -4.53 22.12 37.66
C GLY B 304 -5.09 20.72 37.86
N PRO B 305 -4.96 19.89 36.81
CA PRO B 305 -5.37 18.48 36.75
C PRO B 305 -4.46 17.58 37.57
N THR B 306 -5.03 16.50 38.10
CA THR B 306 -4.29 15.59 38.96
C THR B 306 -3.22 14.78 38.22
N VAL B 307 -3.45 14.51 36.94
CA VAL B 307 -2.48 13.80 36.12
C VAL B 307 -1.56 14.77 35.38
N LYS B 308 -0.27 14.73 35.73
CA LYS B 308 0.71 15.60 35.09
C LYS B 308 1.04 15.13 33.67
N PRO B 309 1.52 16.06 32.83
CA PRO B 309 1.81 15.78 31.42
C PRO B 309 3.14 15.05 31.24
N SER B 310 4.21 15.56 31.84
CA SER B 310 5.53 14.98 31.66
C SER B 310 5.53 13.46 31.87
N GLY B 311 5.94 12.73 30.83
CA GLY B 311 6.02 11.28 30.89
C GLY B 311 4.74 10.57 30.48
N HIS B 312 3.72 11.34 30.13
CA HIS B 312 2.45 10.77 29.70
C HIS B 312 2.64 10.02 28.38
N LEU B 313 1.88 8.95 28.21
CA LEU B 313 1.93 8.13 27.00
C LEU B 313 1.72 8.99 25.75
N PHE B 314 0.84 9.98 25.87
CA PHE B 314 0.56 10.92 24.80
C PHE B 314 1.84 11.48 24.19
N PHE B 315 2.76 11.89 25.05
CA PHE B 315 4.03 12.48 24.62
C PHE B 315 5.04 11.42 24.19
N ARG B 316 4.93 10.22 24.76
CA ARG B 316 5.82 9.12 24.39
C ARG B 316 5.53 8.61 22.99
N LYS B 317 4.27 8.63 22.60
CA LYS B 317 3.89 8.21 21.25
C LYS B 317 4.52 9.10 20.17
N LEU B 318 4.62 10.39 20.45
CA LEU B 318 5.25 11.33 19.52
C LEU B 318 6.76 11.11 19.45
N GLY B 319 7.38 10.87 20.60
CA GLY B 319 8.81 10.65 20.67
C GLY B 319 9.24 9.42 19.89
N ASN B 320 8.47 8.35 20.04
CA ASN B 320 8.75 7.13 19.29
C ASN B 320 8.55 7.33 17.78
N LEU B 321 7.46 8.02 17.43
CA LEU B 321 7.15 8.32 16.03
C LEU B 321 8.25 9.14 15.37
N VAL B 322 8.67 10.20 16.05
CA VAL B 322 9.72 11.07 15.53
C VAL B 322 10.99 10.26 15.34
N LYS B 323 11.31 9.44 16.33
CA LYS B 323 12.50 8.59 16.30
C LYS B 323 12.48 7.58 15.14
N ASN B 324 11.37 6.87 14.98
CA ASN B 324 11.24 5.89 13.91
C ASN B 324 11.31 6.52 12.53
N THR B 325 10.55 7.59 12.35
CA THR B 325 10.47 8.27 11.07
C THR B 325 11.83 8.87 10.70
N LEU B 326 12.52 9.47 11.67
CA LEU B 326 13.87 9.99 11.45
C LEU B 326 14.82 8.86 11.05
N GLU B 327 14.82 7.77 11.82
CA GLU B 327 15.68 6.64 11.52
C GLU B 327 15.35 6.05 10.14
N LYS B 328 14.07 5.93 9.83
CA LYS B 328 13.65 5.45 8.53
C LYS B 328 14.19 6.37 7.43
N CYS B 329 14.08 7.68 7.64
CA CYS B 329 14.59 8.63 6.65
C CYS B 329 16.11 8.55 6.50
N GLN B 330 16.83 8.40 7.61
CA GLN B 330 18.28 8.21 7.54
C GLN B 330 18.65 6.88 6.89
N ARG B 331 17.87 5.84 7.18
CA ARG B 331 18.07 4.54 6.55
C ARG B 331 17.93 4.66 5.03
N GLU B 332 16.88 5.33 4.57
CA GLU B 332 16.64 5.49 3.15
C GLU B 332 17.70 6.34 2.47
N ASN B 333 18.11 7.42 3.14
CA ASN B 333 19.13 8.30 2.58
C ASN B 333 20.51 7.66 2.58
N GLY B 334 20.75 6.80 3.57
CA GLY B 334 22.04 6.13 3.69
C GLY B 334 22.27 5.05 2.67
N PHE B 335 21.22 4.32 2.31
CA PHE B 335 21.35 3.19 1.41
C PHE B 335 20.83 3.43 0.00
N ILE B 336 20.08 4.52 -0.19
CA ILE B 336 19.38 4.70 -1.47
C ILE B 336 19.43 6.11 -2.07
N TYR B 337 19.02 7.11 -1.31
CA TYR B 337 18.89 8.47 -1.87
C TYR B 337 20.18 9.28 -1.90
N PHE B 338 20.92 9.29 -0.80
CA PHE B 338 22.22 9.97 -0.74
C PHE B 338 22.11 11.49 -0.89
N GLN B 339 20.92 12.03 -0.66
CA GLN B 339 20.68 13.46 -0.83
C GLN B 339 21.26 14.30 0.30
N LYS B 340 21.57 15.56 0.00
CA LYS B 340 22.06 16.49 0.99
C LYS B 340 20.96 16.87 1.97
N ILE B 341 21.36 17.21 3.19
CA ILE B 341 20.41 17.62 4.22
C ILE B 341 20.46 19.14 4.37
N PRO B 342 19.38 19.83 3.97
CA PRO B 342 19.37 21.30 4.05
C PRO B 342 19.68 21.74 5.47
N THR B 343 20.32 22.90 5.63
CA THR B 343 20.72 23.36 6.95
C THR B 343 19.53 23.93 7.73
N GLU B 344 18.65 24.63 7.04
CA GLU B 344 17.49 25.24 7.69
C GLU B 344 16.24 24.35 7.64
N ALA B 345 15.35 24.56 8.60
CA ALA B 345 14.08 23.85 8.62
C ALA B 345 13.22 24.27 7.44
N PRO B 346 12.36 23.37 6.97
CA PRO B 346 11.44 23.72 5.90
C PRO B 346 10.40 24.72 6.39
N GLN B 347 9.84 25.50 5.47
CA GLN B 347 8.77 26.42 5.82
C GLN B 347 7.44 25.72 5.65
N LEU B 348 6.73 25.53 6.76
CA LEU B 348 5.47 24.81 6.72
C LEU B 348 4.33 25.71 6.27
N GLU B 349 3.92 25.55 5.03
CA GLU B 349 2.80 26.28 4.50
C GLU B 349 1.68 25.28 4.21
N LEU B 350 1.09 24.75 5.27
CA LEU B 350 0.11 23.68 5.14
C LEU B 350 -1.33 24.12 5.38
N LYS B 351 -2.22 23.76 4.46
CA LYS B 351 -3.63 24.03 4.60
C LYS B 351 -4.39 22.72 4.72
N ALA B 352 -5.14 22.56 5.79
CA ALA B 352 -5.93 21.35 6.01
C ALA B 352 -7.24 21.40 5.22
N ASN B 353 -7.31 20.60 4.16
CA ASN B 353 -8.50 20.58 3.32
C ASN B 353 -9.71 19.89 3.96
N TYR B 354 -9.46 18.85 4.75
CA TYR B 354 -10.53 18.17 5.47
C TYR B 354 -10.18 18.06 6.94
N GLY B 355 -11.21 18.01 7.79
CA GLY B 355 -11.00 17.78 9.22
C GLY B 355 -11.05 18.99 10.13
N LEU B 356 -10.94 20.19 9.55
CA LEU B 356 -11.04 21.42 10.34
C LEU B 356 -12.40 21.52 11.01
N VAL B 357 -12.38 21.92 12.29
CA VAL B 357 -13.60 21.92 13.09
C VAL B 357 -14.17 23.33 13.31
N GLU B 358 -15.49 23.45 13.17
CA GLU B 358 -16.20 24.67 13.49
C GLU B 358 -17.11 24.44 14.68
N PRO B 359 -17.18 25.43 15.58
CA PRO B 359 -18.01 25.28 16.77
C PRO B 359 -19.43 24.89 16.40
N ILE B 360 -20.13 24.16 17.27
CA ILE B 360 -21.55 23.90 17.06
C ILE B 360 -22.37 25.06 17.61
N PRO B 361 -23.13 25.73 16.72
CA PRO B 361 -23.92 26.91 17.07
C PRO B 361 -24.76 26.69 18.31
N PHE B 362 -24.74 27.63 19.25
CA PHE B 362 -25.51 27.49 20.47
C PHE B 362 -26.54 28.59 20.66
N GLU B 363 -27.73 28.19 21.09
CA GLU B 363 -28.78 29.14 21.46
C GLU B 363 -29.38 28.77 22.82
N PHE B 364 -29.78 29.78 23.57
CA PHE B 364 -30.55 29.54 24.78
C PHE B 364 -31.98 29.19 24.36
N PRO B 365 -32.67 28.37 25.18
CA PRO B 365 -34.06 28.02 24.89
C PRO B 365 -34.97 29.25 24.95
N PRO B 366 -36.20 29.14 24.43
CA PRO B 366 -37.16 30.25 24.50
C PRO B 366 -37.58 30.49 25.95
N THR B 367 -38.08 31.68 26.24
CA THR B 367 -38.59 31.98 27.58
C THR B 367 -39.68 30.97 27.95
N SER B 368 -39.63 30.47 29.18
CA SER B 368 -40.58 29.48 29.67
C SER B 368 -42.04 29.92 29.47
N VAL B 369 -42.89 28.98 29.08
CA VAL B 369 -44.30 29.25 28.85
C VAL B 369 -44.96 29.82 30.10
N GLN B 370 -44.45 29.44 31.27
CA GLN B 370 -44.98 29.91 32.54
C GLN B 370 -45.09 31.43 32.61
N TRP B 371 -44.16 32.12 31.97
CA TRP B 371 -44.16 33.58 32.00
C TRP B 371 -45.35 34.19 31.27
N THR B 372 -46.16 34.91 32.04
CA THR B 372 -47.35 35.59 31.53
C THR B 372 -47.30 37.04 31.98
N PRO B 373 -47.84 37.96 31.17
CA PRO B 373 -48.00 39.33 31.64
C PRO B 373 -48.67 39.32 33.00
N GLU B 374 -49.53 38.33 33.22
CA GLU B 374 -50.18 38.13 34.51
C GLU B 374 -49.17 37.67 35.55
N THR B 375 -48.39 36.66 35.20
CA THR B 375 -47.36 36.13 36.09
C THR B 375 -46.27 37.17 36.35
N LEU B 376 -46.04 38.01 35.34
CA LEU B 376 -45.07 39.09 35.44
C LEU B 376 -45.61 40.22 36.31
N ALA B 377 -46.92 40.43 36.25
CA ALA B 377 -47.58 41.43 37.07
C ALA B 377 -47.49 41.07 38.55
N ALA B 378 -47.55 39.77 38.84
CA ALA B 378 -47.54 39.27 40.21
C ALA B 378 -46.27 39.68 40.98
N PHE B 379 -45.25 40.13 40.25
CA PHE B 379 -44.03 40.62 40.87
C PHE B 379 -44.12 42.12 41.15
N ASP B 380 -44.26 42.48 42.42
CA ASP B 380 -44.38 43.88 42.80
C ASP B 380 -43.03 44.49 43.17
N GLU B 397 -21.75 33.58 50.60
CA GLU B 397 -22.37 32.32 51.00
C GLU B 397 -22.07 31.20 49.99
N VAL B 398 -20.92 31.29 49.34
CA VAL B 398 -20.57 30.36 48.26
C VAL B 398 -20.43 28.91 48.71
N LYS B 399 -21.04 28.00 47.96
CA LYS B 399 -20.94 26.56 48.23
C LYS B 399 -20.00 25.92 47.22
N PRO B 400 -18.74 25.69 47.63
CA PRO B 400 -17.66 25.21 46.76
C PRO B 400 -17.98 23.90 46.04
N VAL B 401 -17.18 23.56 45.03
CA VAL B 401 -17.41 22.39 44.20
C VAL B 401 -16.29 21.37 44.34
N LYS B 402 -16.67 20.09 44.42
CA LYS B 402 -15.70 19.01 44.56
C LYS B 402 -15.50 18.23 43.26
N GLU B 403 -14.27 18.22 42.77
CA GLU B 403 -13.92 17.47 41.57
C GLU B 403 -12.84 16.42 41.86
N PRO B 404 -13.16 15.15 41.65
CA PRO B 404 -12.23 14.02 41.80
C PRO B 404 -10.83 14.36 41.29
N THR C 8 -17.22 -19.72 -4.33
CA THR C 8 -18.43 -20.50 -4.53
C THR C 8 -19.55 -19.65 -5.12
N HIS C 9 -20.17 -20.18 -6.17
CA HIS C 9 -21.24 -19.47 -6.85
C HIS C 9 -22.52 -20.28 -6.86
N TRP C 10 -23.65 -19.61 -7.01
CA TRP C 10 -24.91 -20.30 -7.23
C TRP C 10 -25.45 -20.00 -8.63
N PHE C 11 -25.54 -21.02 -9.47
CA PHE C 11 -26.06 -20.84 -10.82
C PHE C 11 -27.35 -21.62 -11.04
N HIS C 12 -28.40 -20.91 -11.46
CA HIS C 12 -29.65 -21.57 -11.80
C HIS C 12 -29.44 -22.43 -13.05
N ARG C 13 -30.06 -23.60 -13.08
CA ARG C 13 -29.88 -24.49 -14.21
C ARG C 13 -31.20 -25.05 -14.74
N ASN C 14 -31.46 -24.81 -16.02
CA ASN C 14 -32.60 -25.43 -16.67
C ASN C 14 -32.28 -26.88 -16.99
N PRO C 15 -33.32 -27.74 -17.07
CA PRO C 15 -33.15 -29.18 -17.30
C PRO C 15 -32.41 -29.52 -18.59
N LEU C 16 -31.68 -30.64 -18.60
CA LEU C 16 -31.07 -31.14 -19.82
C LEU C 16 -32.14 -31.46 -20.85
N LYS C 17 -31.75 -31.56 -22.11
CA LYS C 17 -32.70 -31.99 -23.14
C LYS C 17 -32.66 -33.51 -23.29
N ALA C 18 -33.83 -34.11 -23.46
CA ALA C 18 -33.96 -35.54 -23.64
C ALA C 18 -34.38 -35.84 -25.07
N THR C 19 -33.88 -36.93 -25.64
CA THR C 19 -34.20 -37.28 -27.01
C THR C 19 -34.63 -38.75 -27.14
N ALA C 20 -35.45 -39.03 -28.15
CA ALA C 20 -35.78 -40.40 -28.46
C ALA C 20 -34.55 -41.03 -29.07
N PRO C 21 -34.18 -42.24 -28.60
CA PRO C 21 -33.00 -42.93 -29.14
C PRO C 21 -33.19 -43.28 -30.62
N VAL C 22 -32.12 -43.20 -31.41
CA VAL C 22 -32.22 -43.51 -32.83
C VAL C 22 -31.20 -44.58 -33.22
N SER C 23 -31.70 -45.62 -33.89
CA SER C 23 -30.90 -46.79 -34.22
C SER C 23 -29.98 -46.57 -35.41
N PHE C 24 -30.36 -45.63 -36.28
CA PHE C 24 -29.66 -45.43 -37.54
C PHE C 24 -29.75 -46.69 -38.40
N ASN C 25 -30.84 -47.44 -38.21
CA ASN C 25 -31.12 -48.63 -39.00
C ASN C 25 -32.01 -48.32 -40.20
N TYR C 26 -31.42 -48.37 -41.39
CA TYR C 26 -32.15 -48.22 -42.64
C TYR C 26 -31.96 -49.49 -43.44
N TYR C 27 -32.81 -50.47 -43.19
CA TYR C 27 -32.57 -51.83 -43.65
C TYR C 27 -32.29 -51.96 -45.15
N GLY C 28 -33.24 -51.57 -45.98
CA GLY C 28 -33.10 -51.75 -47.42
C GLY C 28 -32.10 -50.80 -48.05
N VAL C 29 -31.89 -49.65 -47.41
CA VAL C 29 -31.06 -48.59 -47.97
C VAL C 29 -29.56 -48.87 -47.93
N VAL C 30 -29.08 -49.34 -46.78
CA VAL C 30 -27.64 -49.53 -46.57
C VAL C 30 -27.19 -50.89 -47.08
N THR C 31 -26.11 -50.89 -47.86
CA THR C 31 -25.69 -52.10 -48.55
C THR C 31 -24.46 -52.79 -47.95
N GLY C 32 -23.28 -52.19 -48.14
CA GLY C 32 -22.06 -52.86 -47.78
C GLY C 32 -21.69 -52.83 -46.30
N PRO C 33 -20.50 -53.35 -45.98
CA PRO C 33 -19.96 -53.34 -44.61
C PRO C 33 -19.42 -51.98 -44.19
N SER C 34 -18.99 -51.16 -45.14
CA SER C 34 -18.52 -49.81 -44.82
C SER C 34 -19.68 -48.89 -44.44
N ALA C 35 -20.72 -48.88 -45.27
CA ALA C 35 -21.90 -48.09 -44.97
C ALA C 35 -22.58 -48.60 -43.69
N SER C 36 -22.49 -49.91 -43.48
CA SER C 36 -23.03 -50.52 -42.27
C SER C 36 -22.27 -50.06 -41.03
N LYS C 37 -20.94 -50.06 -41.14
CA LYS C 37 -20.07 -49.63 -40.06
C LYS C 37 -20.34 -48.17 -39.68
N ILE C 38 -20.65 -47.35 -40.68
CA ILE C 38 -20.97 -45.96 -40.42
C ILE C 38 -22.21 -45.84 -39.53
N CYS C 39 -23.28 -46.55 -39.90
CA CYS C 39 -24.50 -46.54 -39.11
C CYS C 39 -24.27 -47.14 -37.72
N ASN C 40 -23.48 -48.21 -37.65
CA ASN C 40 -23.10 -48.78 -36.38
C ASN C 40 -22.51 -47.71 -35.47
N ASP C 41 -21.54 -46.96 -36.02
CA ASP C 41 -20.81 -45.98 -35.24
C ASP C 41 -21.67 -44.77 -34.88
N LEU C 42 -22.57 -44.39 -35.79
CA LEU C 42 -23.53 -43.34 -35.50
C LEU C 42 -24.40 -43.71 -34.30
N ARG C 43 -24.94 -44.93 -34.31
CA ARG C 43 -25.78 -45.38 -33.21
C ARG C 43 -25.02 -45.43 -31.89
N SER C 44 -23.81 -45.98 -31.92
CA SER C 44 -23.01 -46.12 -30.72
C SER C 44 -22.50 -44.77 -30.22
N SER C 45 -21.98 -43.95 -31.13
CA SER C 45 -21.51 -42.61 -30.78
C SER C 45 -22.60 -41.80 -30.10
N ARG C 46 -23.80 -41.83 -30.68
CA ARG C 46 -24.90 -41.06 -30.13
C ARG C 46 -25.28 -41.56 -28.74
N ALA C 47 -25.17 -42.87 -28.55
CA ALA C 47 -25.50 -43.48 -27.27
C ALA C 47 -24.52 -43.06 -26.19
N ARG C 48 -23.22 -43.19 -26.47
CA ARG C 48 -22.19 -42.83 -25.50
C ARG C 48 -22.29 -41.37 -25.10
N LEU C 49 -22.57 -40.50 -26.08
CA LEU C 49 -22.67 -39.06 -25.81
C LEU C 49 -23.85 -38.72 -24.89
N LEU C 50 -25.01 -39.33 -25.14
CA LEU C 50 -26.19 -39.08 -24.31
C LEU C 50 -26.01 -39.67 -22.91
N GLU C 51 -25.28 -40.78 -22.85
CA GLU C 51 -24.98 -41.44 -21.58
C GLU C 51 -24.13 -40.52 -20.70
N LEU C 52 -23.10 -39.91 -21.31
CA LEU C 52 -22.20 -39.04 -20.58
C LEU C 52 -22.87 -37.81 -19.98
N PHE C 53 -23.94 -37.34 -20.62
CA PHE C 53 -24.67 -36.16 -20.16
C PHE C 53 -25.06 -36.25 -18.68
N THR C 54 -25.37 -37.46 -18.23
CA THR C 54 -25.77 -37.66 -16.84
C THR C 54 -24.72 -38.46 -16.06
N ASP C 55 -23.62 -38.77 -16.72
CA ASP C 55 -22.53 -39.52 -16.09
C ASP C 55 -21.70 -38.61 -15.19
N LEU C 56 -21.82 -38.80 -13.88
CA LEU C 56 -21.15 -37.92 -12.92
C LEU C 56 -19.63 -37.86 -13.08
N SER C 57 -19.04 -38.91 -13.66
CA SER C 57 -17.59 -38.97 -13.80
C SER C 57 -17.10 -38.31 -15.09
N CYS C 58 -18.03 -37.75 -15.86
CA CYS C 58 -17.66 -37.13 -17.13
C CYS C 58 -16.97 -35.80 -16.92
N ASN C 59 -15.79 -35.66 -17.52
CA ASN C 59 -15.07 -34.39 -17.51
C ASN C 59 -15.08 -33.76 -18.91
N PRO C 60 -14.56 -32.52 -19.04
CA PRO C 60 -14.59 -31.83 -20.34
C PRO C 60 -13.91 -32.61 -21.46
N GLU C 61 -12.82 -33.31 -21.16
CA GLU C 61 -12.09 -34.05 -22.18
C GLU C 61 -12.92 -35.21 -22.74
N MET C 62 -13.55 -35.98 -21.86
CA MET C 62 -14.42 -37.08 -22.27
C MET C 62 -15.57 -36.56 -23.14
N MET C 63 -16.08 -35.38 -22.80
CA MET C 63 -17.19 -34.78 -23.51
C MET C 63 -16.77 -34.39 -24.92
N LYS C 64 -15.66 -33.65 -25.03
CA LYS C 64 -15.15 -33.24 -26.33
C LYS C 64 -14.88 -34.42 -27.25
N ASN C 65 -14.23 -35.46 -26.74
CA ASN C 65 -13.93 -36.64 -27.55
C ASN C 65 -15.22 -37.33 -28.02
N ALA C 66 -16.18 -37.45 -27.12
CA ALA C 66 -17.46 -38.08 -27.43
C ALA C 66 -18.26 -37.22 -28.42
N ALA C 67 -18.21 -35.91 -28.22
CA ALA C 67 -18.90 -34.97 -29.09
C ALA C 67 -18.29 -34.98 -30.49
N ASP C 68 -16.97 -34.95 -30.56
CA ASP C 68 -16.28 -34.95 -31.85
C ASP C 68 -16.57 -36.21 -32.64
N SER C 69 -16.58 -37.35 -31.94
CA SER C 69 -16.85 -38.64 -32.59
C SER C 69 -18.21 -38.64 -33.26
N TYR C 70 -19.25 -38.28 -32.51
CA TYR C 70 -20.61 -38.27 -33.05
C TYR C 70 -20.82 -37.17 -34.08
N PHE C 71 -20.48 -35.93 -33.72
CA PHE C 71 -20.64 -34.81 -34.63
C PHE C 71 -19.86 -35.02 -35.94
N SER C 72 -18.71 -35.68 -35.83
CA SER C 72 -17.88 -35.98 -36.99
C SER C 72 -18.66 -36.84 -37.98
N LEU C 73 -19.35 -37.85 -37.45
CA LEU C 73 -20.12 -38.78 -38.26
C LEU C 73 -21.44 -38.17 -38.73
N LEU C 74 -22.09 -37.43 -37.85
CA LEU C 74 -23.40 -36.85 -38.13
C LEU C 74 -23.36 -35.86 -39.28
N GLN C 75 -22.20 -35.25 -39.51
CA GLN C 75 -22.10 -34.24 -40.56
C GLN C 75 -22.12 -34.83 -41.97
N GLY C 76 -21.95 -36.15 -42.06
CA GLY C 76 -22.08 -36.85 -43.33
C GLY C 76 -23.52 -36.80 -43.80
N PHE C 77 -24.44 -36.57 -42.86
CA PHE C 77 -25.87 -36.46 -43.17
C PHE C 77 -26.19 -35.02 -43.60
N ILE C 78 -25.23 -34.13 -43.47
CA ILE C 78 -25.48 -32.69 -43.63
C ILE C 78 -24.59 -32.02 -44.69
N ASN C 79 -23.28 -32.15 -44.53
CA ASN C 79 -22.34 -31.53 -45.45
C ASN C 79 -22.05 -32.41 -46.68
N SER C 80 -21.86 -31.78 -47.82
CA SER C 80 -21.45 -32.51 -49.02
C SER C 80 -19.94 -32.70 -48.96
N LEU C 81 -19.46 -33.76 -49.61
CA LEU C 81 -18.03 -34.02 -49.70
C LEU C 81 -17.50 -33.43 -50.99
N ASP C 82 -18.42 -33.24 -51.95
CA ASP C 82 -18.07 -32.83 -53.30
C ASP C 82 -17.17 -31.60 -53.34
N GLU C 83 -17.28 -30.75 -52.33
CA GLU C 83 -16.71 -29.41 -52.40
C GLU C 83 -17.40 -28.68 -53.54
N SER C 84 -18.46 -29.30 -54.05
CA SER C 84 -19.22 -28.79 -55.18
C SER C 84 -20.70 -28.65 -54.82
N THR C 85 -21.31 -29.74 -54.37
CA THR C 85 -22.73 -29.78 -54.08
C THR C 85 -23.12 -28.87 -52.91
N GLN C 86 -24.37 -28.44 -52.90
CA GLN C 86 -24.89 -27.65 -51.79
C GLN C 86 -24.86 -28.47 -50.49
N GLU C 87 -25.58 -29.58 -50.47
CA GLU C 87 -25.71 -30.38 -49.25
C GLU C 87 -25.72 -31.88 -49.48
N SER C 88 -25.71 -32.63 -48.38
CA SER C 88 -25.74 -34.09 -48.41
C SER C 88 -27.15 -34.62 -48.69
N LYS C 89 -27.23 -35.66 -49.50
CA LYS C 89 -28.53 -36.22 -49.87
C LYS C 89 -29.24 -36.85 -48.68
N LEU C 90 -28.49 -37.12 -47.61
CA LEU C 90 -29.00 -37.85 -46.47
C LEU C 90 -29.68 -36.97 -45.41
N ARG C 91 -29.75 -35.67 -45.67
CA ARG C 91 -30.18 -34.73 -44.64
C ARG C 91 -31.56 -35.00 -44.04
N TYR C 92 -32.44 -35.61 -44.82
CA TYR C 92 -33.83 -35.75 -44.40
C TYR C 92 -34.28 -37.20 -44.23
N ILE C 93 -33.36 -38.11 -43.97
CA ILE C 93 -33.71 -39.51 -43.83
C ILE C 93 -34.15 -39.91 -42.43
N GLN C 94 -33.70 -39.16 -41.43
CA GLN C 94 -33.96 -39.53 -40.04
C GLN C 94 -34.80 -38.49 -39.30
N ASN C 95 -35.74 -38.97 -38.49
CA ASN C 95 -36.54 -38.10 -37.65
C ASN C 95 -35.95 -38.04 -36.25
N PHE C 96 -35.76 -36.83 -35.74
CA PHE C 96 -35.16 -36.64 -34.42
C PHE C 96 -36.15 -35.98 -33.46
N LYS C 97 -36.32 -36.58 -32.29
CA LYS C 97 -37.29 -36.08 -31.31
C LYS C 97 -36.58 -35.59 -30.05
N TRP C 98 -36.79 -34.31 -29.73
CA TRP C 98 -36.14 -33.68 -28.58
C TRP C 98 -37.10 -32.95 -27.67
N THR C 99 -36.86 -33.03 -26.38
CA THR C 99 -37.57 -32.20 -25.42
C THR C 99 -36.87 -30.83 -25.34
N ASP C 100 -37.49 -29.90 -24.65
CA ASP C 100 -36.91 -28.56 -24.53
C ASP C 100 -36.70 -28.17 -23.07
N THR C 101 -35.69 -27.34 -22.82
CA THR C 101 -35.36 -26.93 -21.47
C THR C 101 -36.55 -26.32 -20.73
N LEU C 102 -37.35 -25.55 -21.46
CA LEU C 102 -38.45 -24.82 -20.82
C LEU C 102 -39.84 -25.42 -21.06
N GLN C 103 -39.93 -26.53 -21.80
CA GLN C 103 -41.24 -27.07 -22.16
C GLN C 103 -41.53 -28.44 -21.56
N GLY C 104 -40.86 -28.76 -20.47
CA GLY C 104 -41.07 -30.03 -19.79
C GLY C 104 -40.92 -31.22 -20.72
N GLN C 105 -41.92 -32.11 -20.71
CA GLN C 105 -41.84 -33.34 -21.48
C GLN C 105 -42.52 -33.27 -22.85
N VAL C 106 -43.03 -32.10 -23.22
CA VAL C 106 -43.69 -31.93 -24.51
C VAL C 106 -42.66 -31.89 -25.64
N PRO C 107 -42.46 -33.03 -26.32
CA PRO C 107 -41.38 -33.20 -27.29
C PRO C 107 -41.65 -32.47 -28.60
N SER C 108 -40.59 -32.22 -29.36
CA SER C 108 -40.71 -31.64 -30.69
C SER C 108 -39.82 -32.40 -31.66
N ALA C 109 -40.35 -32.72 -32.84
CA ALA C 109 -39.63 -33.56 -33.79
C ALA C 109 -39.47 -32.92 -35.17
N GLN C 110 -38.33 -33.17 -35.79
CA GLN C 110 -38.08 -32.74 -37.16
C GLN C 110 -37.28 -33.82 -37.88
N GLN C 111 -37.68 -34.14 -39.11
CA GLN C 111 -36.90 -35.07 -39.92
C GLN C 111 -35.81 -34.30 -40.68
N ASP C 112 -34.92 -33.68 -39.92
CA ASP C 112 -33.84 -32.86 -40.47
C ASP C 112 -32.60 -33.07 -39.62
N ALA C 113 -31.50 -33.48 -40.25
CA ALA C 113 -30.26 -33.76 -39.52
C ALA C 113 -29.68 -32.51 -38.86
N VAL C 114 -29.93 -31.35 -39.47
CA VAL C 114 -29.48 -30.09 -38.88
C VAL C 114 -30.17 -29.87 -37.54
N PHE C 115 -31.44 -30.26 -37.47
CA PHE C 115 -32.20 -30.18 -36.24
C PHE C 115 -31.57 -31.04 -35.14
N GLU C 116 -30.98 -32.17 -35.55
CA GLU C 116 -30.26 -33.03 -34.61
C GLU C 116 -28.91 -32.39 -34.23
N LEU C 117 -28.22 -31.83 -35.22
CA LEU C 117 -26.94 -31.18 -34.97
C LEU C 117 -27.09 -30.10 -33.91
N ILE C 118 -28.07 -29.22 -34.11
CA ILE C 118 -28.27 -28.08 -33.21
C ILE C 118 -28.82 -28.49 -31.84
N SER C 119 -29.80 -29.39 -31.83
CA SER C 119 -30.37 -29.89 -30.58
C SER C 119 -29.31 -30.62 -29.75
N MET C 120 -28.52 -31.47 -30.39
CA MET C 120 -27.44 -32.16 -29.68
C MET C 120 -26.36 -31.18 -29.22
N GLY C 121 -25.90 -30.34 -30.14
CA GLY C 121 -24.90 -29.33 -29.80
C GLY C 121 -25.36 -28.45 -28.66
N PHE C 122 -26.62 -28.05 -28.69
CA PHE C 122 -27.21 -27.28 -27.61
C PHE C 122 -26.97 -28.00 -26.29
N ASN C 123 -27.35 -29.27 -26.24
CA ASN C 123 -27.20 -30.07 -25.04
C ASN C 123 -25.75 -30.16 -24.57
N VAL C 124 -24.82 -30.28 -25.51
CA VAL C 124 -23.41 -30.31 -25.17
C VAL C 124 -23.02 -29.03 -24.44
N ALA C 125 -23.44 -27.89 -24.98
CA ALA C 125 -23.14 -26.60 -24.35
C ALA C 125 -23.77 -26.55 -22.97
N LEU C 126 -25.03 -27.00 -22.90
CA LEU C 126 -25.77 -27.00 -21.65
C LEU C 126 -25.02 -27.81 -20.60
N TRP C 127 -24.44 -28.93 -21.03
CA TRP C 127 -23.68 -29.78 -20.13
C TRP C 127 -22.49 -29.05 -19.54
N TYR C 128 -21.74 -28.33 -20.39
CA TYR C 128 -20.60 -27.56 -19.93
C TYR C 128 -21.01 -26.59 -18.83
N THR C 129 -22.17 -25.96 -18.99
CA THR C 129 -22.68 -25.04 -17.98
C THR C 129 -23.04 -25.76 -16.69
N LYS C 130 -23.42 -27.03 -16.82
CA LYS C 130 -23.79 -27.84 -15.66
C LYS C 130 -22.55 -28.41 -15.01
N TYR C 131 -21.57 -28.77 -15.83
CA TYR C 131 -20.28 -29.18 -15.31
C TYR C 131 -19.70 -28.02 -14.50
N ALA C 132 -19.75 -26.82 -15.08
CA ALA C 132 -19.24 -25.62 -14.44
C ALA C 132 -19.91 -25.34 -13.10
N SER C 133 -21.25 -25.37 -13.08
CA SER C 133 -22.00 -25.06 -11.86
C SER C 133 -21.78 -26.10 -10.76
N ARG C 134 -21.62 -27.36 -11.15
CA ARG C 134 -21.27 -28.41 -10.19
C ARG C 134 -19.89 -28.13 -9.60
N LEU C 135 -18.92 -27.85 -10.46
CA LEU C 135 -17.55 -27.64 -10.00
C LEU C 135 -17.50 -26.42 -9.06
N ALA C 136 -18.33 -25.42 -9.35
CA ALA C 136 -18.36 -24.19 -8.56
C ALA C 136 -19.17 -24.37 -7.29
N GLY C 137 -19.64 -25.59 -7.03
CA GLY C 137 -20.45 -25.87 -5.88
C GLY C 137 -19.61 -26.25 -4.67
N LYS C 138 -18.38 -26.68 -4.93
CA LYS C 138 -17.46 -27.07 -3.87
C LYS C 138 -16.96 -25.88 -3.05
N GLU C 139 -16.32 -26.19 -1.93
CA GLU C 139 -15.48 -25.24 -1.22
C GLU C 139 -14.05 -25.75 -1.35
N ASN C 140 -13.92 -26.94 -1.93
CA ASN C 140 -12.64 -27.63 -2.09
C ASN C 140 -11.97 -27.37 -3.44
N ILE C 141 -12.37 -26.30 -4.13
CA ILE C 141 -11.93 -26.11 -5.51
C ILE C 141 -10.47 -25.67 -5.67
N THR C 142 -9.75 -26.41 -6.50
CA THR C 142 -8.39 -26.05 -6.90
C THR C 142 -8.44 -24.76 -7.70
N GLU C 143 -7.30 -24.10 -7.88
CA GLU C 143 -7.21 -22.98 -8.80
C GLU C 143 -7.53 -23.48 -10.19
N ASP C 144 -7.01 -24.65 -10.52
CA ASP C 144 -7.24 -25.27 -11.82
C ASP C 144 -8.71 -25.63 -12.00
N GLU C 145 -9.40 -25.92 -10.90
CA GLU C 145 -10.84 -26.17 -10.95
C GLU C 145 -11.60 -24.88 -11.21
N ALA C 146 -11.09 -23.77 -10.67
CA ALA C 146 -11.67 -22.46 -10.91
C ALA C 146 -11.57 -22.13 -12.40
N LYS C 147 -10.38 -22.33 -12.96
CA LYS C 147 -10.15 -22.09 -14.38
C LYS C 147 -11.11 -22.90 -15.24
N GLU C 148 -11.27 -24.17 -14.89
CA GLU C 148 -12.13 -25.08 -15.64
C GLU C 148 -13.58 -24.57 -15.65
N VAL C 149 -14.05 -24.09 -14.51
CA VAL C 149 -15.38 -23.48 -14.41
C VAL C 149 -15.50 -22.32 -15.39
N HIS C 150 -14.56 -21.39 -15.30
CA HIS C 150 -14.51 -20.23 -16.19
C HIS C 150 -14.49 -20.67 -17.65
N ARG C 151 -13.58 -21.57 -17.98
CA ARG C 151 -13.41 -22.03 -19.36
C ARG C 151 -14.66 -22.74 -19.89
N SER C 152 -15.27 -23.59 -19.05
CA SER C 152 -16.46 -24.33 -19.46
C SER C 152 -17.57 -23.39 -19.87
N LEU C 153 -17.78 -22.33 -19.08
CA LEU C 153 -18.79 -21.33 -19.39
C LEU C 153 -18.47 -20.61 -20.71
N LYS C 154 -17.19 -20.30 -20.93
CA LYS C 154 -16.79 -19.64 -22.16
C LYS C 154 -16.95 -20.55 -23.38
N ILE C 155 -16.66 -21.84 -23.20
CA ILE C 155 -16.85 -22.83 -24.27
C ILE C 155 -18.34 -22.97 -24.61
N ALA C 156 -19.16 -23.10 -23.58
CA ALA C 156 -20.60 -23.19 -23.75
C ALA C 156 -21.11 -21.96 -24.50
N ALA C 157 -20.66 -20.79 -24.08
CA ALA C 157 -21.03 -19.54 -24.73
C ALA C 157 -20.72 -19.62 -26.22
N GLY C 158 -19.54 -20.14 -26.54
CA GLY C 158 -19.10 -20.23 -27.92
C GLY C 158 -19.94 -21.21 -28.74
N ILE C 159 -20.23 -22.36 -28.14
CA ILE C 159 -21.08 -23.34 -28.81
C ILE C 159 -22.45 -22.74 -29.13
N PHE C 160 -23.14 -22.21 -28.12
CA PHE C 160 -24.42 -21.54 -28.33
C PHE C 160 -24.35 -20.50 -29.44
N LYS C 161 -23.31 -19.67 -29.41
CA LYS C 161 -23.18 -18.58 -30.36
C LYS C 161 -23.06 -19.13 -31.78
N HIS C 162 -22.19 -20.12 -31.95
CA HIS C 162 -22.01 -20.73 -33.26
C HIS C 162 -23.33 -21.33 -33.76
N LEU C 163 -24.07 -21.99 -32.87
CA LEU C 163 -25.35 -22.57 -33.23
C LEU C 163 -26.32 -21.51 -33.77
N LYS C 164 -26.40 -20.39 -33.06
CA LYS C 164 -27.35 -19.33 -33.40
C LYS C 164 -26.98 -18.64 -34.71
N GLU C 165 -25.69 -18.58 -35.00
CA GLU C 165 -25.20 -17.81 -36.15
C GLU C 165 -25.10 -18.64 -37.42
N SER C 166 -24.47 -19.81 -37.34
CA SER C 166 -24.16 -20.56 -38.56
C SER C 166 -25.06 -21.76 -38.83
N HIS C 167 -26.03 -22.01 -37.96
CA HIS C 167 -26.83 -23.23 -38.11
C HIS C 167 -28.35 -23.02 -37.97
N LEU C 168 -28.75 -22.12 -37.08
CA LEU C 168 -30.17 -21.81 -36.94
C LEU C 168 -30.81 -21.47 -38.29
N PRO C 169 -30.16 -20.61 -39.09
CA PRO C 169 -30.71 -20.19 -40.39
C PRO C 169 -30.99 -21.35 -41.36
N LYS C 170 -30.33 -22.49 -41.16
CA LYS C 170 -30.44 -23.62 -42.08
C LYS C 170 -31.77 -24.39 -41.95
N LEU C 171 -32.37 -24.36 -40.77
CA LEU C 171 -33.59 -25.11 -40.52
C LEU C 171 -34.70 -24.73 -41.51
N ILE C 172 -35.39 -25.74 -42.04
CA ILE C 172 -36.47 -25.51 -42.99
C ILE C 172 -37.68 -24.88 -42.29
N THR C 173 -38.12 -25.51 -41.21
CA THR C 173 -39.20 -24.97 -40.39
C THR C 173 -38.64 -24.51 -39.03
N PRO C 174 -38.62 -23.19 -38.80
CA PRO C 174 -38.12 -22.61 -37.55
C PRO C 174 -38.93 -23.07 -36.33
N ALA C 175 -38.25 -23.21 -35.18
CA ALA C 175 -38.91 -23.64 -33.96
C ALA C 175 -39.83 -22.55 -33.40
N GLU C 176 -40.90 -22.97 -32.75
CA GLU C 176 -41.86 -22.04 -32.15
C GLU C 176 -41.28 -21.37 -30.91
N LYS C 177 -41.73 -20.15 -30.64
CA LYS C 177 -41.24 -19.40 -29.48
C LYS C 177 -41.45 -20.19 -28.21
N GLY C 178 -40.42 -20.21 -27.36
CA GLY C 178 -40.48 -20.95 -26.12
C GLY C 178 -39.64 -22.20 -26.20
N ARG C 179 -39.13 -22.48 -27.39
CA ARG C 179 -38.30 -23.67 -27.62
C ARG C 179 -36.84 -23.28 -27.82
N ASP C 180 -35.95 -24.21 -27.49
CA ASP C 180 -34.52 -23.94 -27.47
C ASP C 180 -33.97 -23.43 -28.81
N LEU C 181 -34.48 -23.96 -29.92
CA LEU C 181 -33.92 -23.63 -31.23
C LEU C 181 -34.41 -22.30 -31.80
N GLU C 182 -35.04 -21.49 -30.96
CA GLU C 182 -35.42 -20.14 -31.34
C GLU C 182 -34.29 -19.18 -30.96
N SER C 183 -34.03 -18.19 -31.81
CA SER C 183 -32.85 -17.34 -31.68
C SER C 183 -32.78 -16.59 -30.35
N ARG C 184 -33.88 -15.94 -29.98
CA ARG C 184 -33.92 -15.17 -28.73
C ARG C 184 -33.56 -16.01 -27.51
N LEU C 185 -33.99 -17.26 -27.51
CA LEU C 185 -33.69 -18.14 -26.38
C LEU C 185 -32.19 -18.49 -26.33
N ILE C 186 -31.62 -18.79 -27.49
CA ILE C 186 -30.20 -19.15 -27.55
C ILE C 186 -29.33 -17.96 -27.19
N GLU C 187 -29.72 -16.78 -27.67
CA GLU C 187 -29.01 -15.54 -27.37
C GLU C 187 -28.95 -15.31 -25.87
N ALA C 188 -30.06 -15.61 -25.19
CA ALA C 188 -30.12 -15.50 -23.74
C ALA C 188 -29.10 -16.41 -23.06
N TYR C 189 -28.97 -17.65 -23.55
CA TYR C 189 -27.99 -18.58 -22.98
C TYR C 189 -26.55 -18.08 -23.21
N VAL C 190 -26.31 -17.51 -24.38
CA VAL C 190 -25.00 -16.95 -24.72
C VAL C 190 -24.65 -15.86 -23.71
N ILE C 191 -25.59 -14.95 -23.50
CA ILE C 191 -25.39 -13.83 -22.58
C ILE C 191 -25.22 -14.33 -21.16
N GLN C 192 -26.00 -15.33 -20.77
CA GLN C 192 -25.92 -15.88 -19.41
C GLN C 192 -24.57 -16.52 -19.14
N CYS C 193 -24.06 -17.30 -20.10
CA CYS C 193 -22.75 -17.93 -19.94
C CYS C 193 -21.64 -16.89 -19.74
N GLN C 194 -21.75 -15.77 -20.45
CA GLN C 194 -20.80 -14.69 -20.32
C GLN C 194 -20.89 -14.06 -18.94
N ALA C 195 -22.12 -13.79 -18.51
CA ALA C 195 -22.35 -13.18 -17.20
C ALA C 195 -21.79 -14.05 -16.09
N GLU C 196 -22.08 -15.35 -16.16
CA GLU C 196 -21.65 -16.28 -15.12
C GLU C 196 -20.14 -16.46 -15.10
N ALA C 197 -19.51 -16.43 -16.28
CA ALA C 197 -18.06 -16.50 -16.33
C ALA C 197 -17.45 -15.26 -15.68
N GLN C 198 -18.10 -14.12 -15.90
CA GLN C 198 -17.67 -12.86 -15.28
C GLN C 198 -17.68 -12.92 -13.76
N GLU C 199 -18.65 -13.64 -13.19
CA GLU C 199 -18.72 -13.79 -11.74
C GLU C 199 -17.43 -14.42 -11.21
N VAL C 200 -16.96 -15.45 -11.91
CA VAL C 200 -15.72 -16.11 -11.54
C VAL C 200 -14.55 -15.11 -11.59
N THR C 201 -14.52 -14.31 -12.65
CA THR C 201 -13.49 -13.28 -12.81
C THR C 201 -13.54 -12.27 -11.66
N ILE C 202 -14.74 -11.81 -11.34
CA ILE C 202 -14.91 -10.86 -10.25
C ILE C 202 -14.38 -11.44 -8.94
N ALA C 203 -14.80 -12.66 -8.62
CA ALA C 203 -14.33 -13.33 -7.42
C ALA C 203 -12.80 -13.32 -7.35
N ARG C 204 -12.14 -13.73 -8.42
CA ARG C 204 -10.69 -13.76 -8.46
C ARG C 204 -10.05 -12.39 -8.25
N ALA C 205 -10.51 -11.39 -8.99
CA ALA C 205 -9.94 -10.06 -8.91
C ALA C 205 -10.05 -9.50 -7.49
N ILE C 206 -11.09 -9.92 -6.77
CA ILE C 206 -11.25 -9.53 -5.38
C ILE C 206 -10.24 -10.25 -4.51
N GLU C 207 -10.06 -11.55 -4.77
CA GLU C 207 -9.09 -12.34 -4.03
C GLU C 207 -7.67 -11.83 -4.29
N LEU C 208 -7.42 -11.39 -5.51
CA LEU C 208 -6.09 -10.89 -5.88
C LEU C 208 -5.92 -9.41 -5.56
N LYS C 209 -6.86 -8.85 -4.81
CA LYS C 209 -6.75 -7.47 -4.33
C LYS C 209 -6.59 -6.42 -5.43
N HIS C 210 -7.41 -6.54 -6.48
CA HIS C 210 -7.37 -5.57 -7.57
C HIS C 210 -8.06 -4.26 -7.18
N ALA C 211 -7.77 -3.20 -7.92
CA ALA C 211 -8.33 -1.89 -7.65
C ALA C 211 -9.86 -1.90 -7.67
N PRO C 212 -10.49 -1.17 -6.75
CA PRO C 212 -11.95 -1.16 -6.61
C PRO C 212 -12.63 -0.65 -7.88
N GLY C 213 -11.92 0.17 -8.66
CA GLY C 213 -12.47 0.70 -9.89
C GLY C 213 -12.69 -0.41 -10.90
N LEU C 214 -11.68 -1.26 -11.07
CA LEU C 214 -11.76 -2.39 -11.98
C LEU C 214 -12.84 -3.37 -11.52
N ILE C 215 -12.87 -3.66 -10.23
CA ILE C 215 -13.85 -4.58 -9.67
C ILE C 215 -15.28 -4.05 -9.83
N ALA C 216 -15.45 -2.76 -9.60
CA ALA C 216 -16.76 -2.13 -9.76
C ALA C 216 -17.21 -2.21 -11.22
N ALA C 217 -16.28 -1.95 -12.13
CA ALA C 217 -16.57 -1.96 -13.55
C ALA C 217 -16.99 -3.34 -14.02
N LEU C 218 -16.27 -4.36 -13.55
CA LEU C 218 -16.63 -5.74 -13.86
C LEU C 218 -18.00 -6.12 -13.34
N ALA C 219 -18.27 -5.79 -12.08
CA ALA C 219 -19.56 -6.08 -11.47
C ALA C 219 -20.67 -5.41 -12.26
N TYR C 220 -20.39 -4.18 -12.69
CA TYR C 220 -21.33 -3.38 -13.45
C TYR C 220 -21.63 -4.01 -14.81
N GLU C 221 -20.60 -4.56 -15.46
CA GLU C 221 -20.78 -5.22 -16.76
C GLU C 221 -21.55 -6.52 -16.64
N THR C 222 -21.25 -7.32 -15.61
CA THR C 222 -21.95 -8.59 -15.43
C THR C 222 -23.42 -8.33 -15.14
N ALA C 223 -23.68 -7.24 -14.43
CA ALA C 223 -25.06 -6.82 -14.19
C ALA C 223 -25.75 -6.49 -15.52
N ASN C 224 -25.06 -5.75 -16.38
CA ASN C 224 -25.61 -5.43 -17.69
C ASN C 224 -25.91 -6.69 -18.49
N PHE C 225 -24.98 -7.63 -18.48
CA PHE C 225 -25.18 -8.94 -19.11
C PHE C 225 -26.49 -9.55 -18.61
N TYR C 226 -26.60 -9.71 -17.29
CA TYR C 226 -27.80 -10.31 -16.71
C TYR C 226 -29.07 -9.57 -17.13
N GLN C 227 -29.03 -8.25 -17.09
CA GLN C 227 -30.19 -7.46 -17.50
C GLN C 227 -30.48 -7.69 -18.98
N LYS C 228 -29.42 -7.74 -19.79
CA LYS C 228 -29.55 -7.94 -21.22
C LYS C 228 -30.11 -9.33 -21.52
N ALA C 229 -29.76 -10.31 -20.69
CA ALA C 229 -30.27 -11.66 -20.84
C ALA C 229 -31.76 -11.72 -20.50
N ASP C 230 -32.13 -11.06 -19.41
CA ASP C 230 -33.53 -10.97 -18.99
C ASP C 230 -34.39 -10.31 -20.08
N HIS C 231 -33.97 -9.14 -20.54
CA HIS C 231 -34.70 -8.39 -21.55
C HIS C 231 -34.90 -9.21 -22.83
N THR C 232 -33.92 -10.02 -23.16
CA THR C 232 -33.98 -10.87 -24.35
C THR C 232 -35.07 -11.95 -24.19
N LEU C 233 -35.40 -12.27 -22.94
CA LEU C 233 -36.44 -13.25 -22.65
C LEU C 233 -37.81 -12.61 -22.41
N SER C 234 -37.87 -11.28 -22.53
CA SER C 234 -39.08 -10.54 -22.19
C SER C 234 -40.27 -10.90 -23.08
N SER C 235 -40.00 -11.35 -24.29
CA SER C 235 -41.06 -11.69 -25.24
C SER C 235 -41.76 -13.01 -24.93
N LEU C 236 -41.02 -13.94 -24.30
CA LEU C 236 -41.56 -15.26 -24.02
C LEU C 236 -42.72 -15.19 -23.02
N GLU C 237 -43.55 -16.23 -23.00
CA GLU C 237 -44.68 -16.31 -22.08
C GLU C 237 -44.22 -16.64 -20.67
N PRO C 238 -44.70 -15.86 -19.69
CA PRO C 238 -44.35 -15.96 -18.26
C PRO C 238 -44.42 -17.39 -17.72
N ALA C 239 -45.46 -18.11 -18.08
CA ALA C 239 -45.67 -19.46 -17.55
C ALA C 239 -44.39 -20.30 -17.48
N TYR C 240 -43.67 -20.39 -18.58
CA TYR C 240 -42.48 -21.26 -18.64
C TYR C 240 -41.17 -20.50 -18.51
N SER C 241 -41.23 -19.18 -18.39
CA SER C 241 -40.02 -18.36 -18.38
C SER C 241 -39.86 -17.50 -17.12
N ALA C 242 -40.88 -17.48 -16.27
CA ALA C 242 -40.89 -16.61 -15.11
C ALA C 242 -39.74 -16.89 -14.13
N LYS C 243 -39.60 -18.15 -13.72
CA LYS C 243 -38.59 -18.52 -12.74
C LYS C 243 -37.19 -18.15 -13.21
N TRP C 244 -36.91 -18.45 -14.48
CA TRP C 244 -35.62 -18.16 -15.07
C TRP C 244 -35.34 -16.66 -15.05
N ARG C 245 -36.33 -15.85 -15.40
CA ARG C 245 -36.15 -14.41 -15.41
C ARG C 245 -35.95 -13.82 -14.02
N LYS C 246 -36.51 -14.47 -13.00
CA LYS C 246 -36.30 -14.05 -11.62
C LYS C 246 -34.82 -14.20 -11.23
N TYR C 247 -34.20 -15.28 -11.70
CA TYR C 247 -32.80 -15.53 -11.43
C TYR C 247 -31.90 -14.48 -12.09
N LEU C 248 -32.21 -14.12 -13.32
CA LEU C 248 -31.46 -13.09 -14.04
C LEU C 248 -31.68 -11.73 -13.43
N HIS C 249 -32.88 -11.50 -12.91
CA HIS C 249 -33.18 -10.22 -12.27
C HIS C 249 -32.47 -10.09 -10.93
N LEU C 250 -32.45 -11.17 -10.15
CA LEU C 250 -31.81 -11.12 -8.83
C LEU C 250 -30.29 -11.05 -8.98
N LYS C 251 -29.77 -11.71 -9.99
CA LYS C 251 -28.34 -11.68 -10.28
C LYS C 251 -27.95 -10.28 -10.74
N MET C 252 -28.80 -9.66 -11.55
CA MET C 252 -28.55 -8.31 -12.00
C MET C 252 -28.54 -7.32 -10.82
N CYS C 253 -29.50 -7.48 -9.92
CA CYS C 253 -29.58 -6.63 -8.73
C CYS C 253 -28.40 -6.89 -7.81
N PHE C 254 -28.04 -8.15 -7.67
CA PHE C 254 -26.95 -8.57 -6.81
C PHE C 254 -25.63 -7.92 -7.24
N TYR C 255 -25.37 -7.91 -8.54
CA TYR C 255 -24.10 -7.35 -9.01
C TYR C 255 -24.08 -5.82 -9.14
N THR C 256 -25.24 -5.19 -9.26
CA THR C 256 -25.27 -3.73 -9.20
C THR C 256 -24.89 -3.33 -7.78
N ALA C 257 -25.32 -4.13 -6.81
CA ALA C 257 -24.96 -3.90 -5.42
C ALA C 257 -23.45 -3.99 -5.25
N TYR C 258 -22.85 -5.02 -5.82
CA TYR C 258 -21.40 -5.15 -5.86
C TYR C 258 -20.75 -3.93 -6.51
N ALA C 259 -21.37 -3.40 -7.56
CA ALA C 259 -20.80 -2.26 -8.25
C ALA C 259 -20.83 -1.00 -7.38
N TYR C 260 -21.95 -0.75 -6.71
CA TYR C 260 -22.06 0.40 -5.83
C TYR C 260 -21.11 0.28 -4.65
N CYS C 261 -20.91 -0.94 -4.18
CA CYS C 261 -20.04 -1.16 -3.03
C CYS C 261 -18.61 -0.77 -3.36
N TYR C 262 -18.06 -1.37 -4.41
CA TYR C 262 -16.69 -1.06 -4.80
C TYR C 262 -16.51 0.35 -5.38
N HIS C 263 -17.53 0.86 -6.06
CA HIS C 263 -17.48 2.26 -6.50
C HIS C 263 -17.43 3.21 -5.29
N GLY C 264 -18.03 2.77 -4.19
CA GLY C 264 -17.95 3.50 -2.94
C GLY C 264 -16.51 3.59 -2.43
N GLU C 265 -15.77 2.50 -2.52
CA GLU C 265 -14.35 2.52 -2.18
C GLU C 265 -13.61 3.53 -3.06
N THR C 266 -13.92 3.51 -4.36
CA THR C 266 -13.30 4.44 -5.30
C THR C 266 -13.56 5.89 -4.89
N LEU C 267 -14.81 6.19 -4.57
CA LEU C 267 -15.20 7.52 -4.10
C LEU C 267 -14.43 7.90 -2.84
N LEU C 268 -14.32 6.95 -1.90
CA LEU C 268 -13.65 7.20 -0.62
C LEU C 268 -12.16 7.49 -0.80
N ALA C 269 -11.52 6.76 -1.71
CA ALA C 269 -10.12 7.01 -2.03
C ALA C 269 -9.93 8.38 -2.68
N SER C 270 -11.02 8.95 -3.20
CA SER C 270 -10.96 10.28 -3.80
C SER C 270 -11.44 11.37 -2.83
N ASP C 271 -11.55 11.01 -1.55
CA ASP C 271 -11.99 11.95 -0.51
C ASP C 271 -13.42 12.45 -0.71
N LYS C 272 -14.23 11.67 -1.42
CA LYS C 272 -15.66 11.97 -1.52
C LYS C 272 -16.43 11.01 -0.62
N CYS C 273 -16.40 11.28 0.69
CA CYS C 273 -16.96 10.35 1.66
C CYS C 273 -18.47 10.35 1.69
N GLY C 274 -19.07 11.52 1.49
CA GLY C 274 -20.51 11.64 1.45
C GLY C 274 -21.07 10.83 0.29
N GLU C 275 -20.51 11.07 -0.89
CA GLU C 275 -20.92 10.35 -2.09
C GLU C 275 -20.69 8.86 -1.92
N ALA C 276 -19.59 8.50 -1.26
CA ALA C 276 -19.27 7.10 -0.99
C ALA C 276 -20.36 6.44 -0.16
N ILE C 277 -20.83 7.15 0.88
CA ILE C 277 -21.88 6.65 1.75
C ILE C 277 -23.19 6.44 1.00
N ARG C 278 -23.56 7.42 0.19
CA ARG C 278 -24.78 7.33 -0.59
C ARG C 278 -24.71 6.14 -1.54
N SER C 279 -23.52 5.92 -2.12
CA SER C 279 -23.31 4.80 -3.02
C SER C 279 -23.51 3.47 -2.31
N LEU C 280 -23.00 3.37 -1.08
CA LEU C 280 -23.14 2.13 -0.30
C LEU C 280 -24.54 1.94 0.25
N GLN C 281 -25.27 3.02 0.44
CA GLN C 281 -26.67 2.93 0.82
C GLN C 281 -27.48 2.39 -0.34
N GLU C 282 -27.08 2.72 -1.55
CA GLU C 282 -27.72 2.18 -2.74
C GLU C 282 -27.45 0.67 -2.81
N ALA C 283 -26.20 0.30 -2.56
CA ALA C 283 -25.83 -1.11 -2.54
C ALA C 283 -26.69 -1.85 -1.52
N GLU C 284 -26.93 -1.21 -0.39
CA GLU C 284 -27.76 -1.77 0.67
C GLU C 284 -29.18 -2.02 0.16
N LYS C 285 -29.76 -1.01 -0.50
CA LYS C 285 -31.09 -1.17 -1.09
C LYS C 285 -31.10 -2.35 -2.06
N LEU C 286 -30.16 -2.36 -2.98
CA LEU C 286 -30.09 -3.39 -4.01
C LEU C 286 -29.80 -4.77 -3.43
N TYR C 287 -29.01 -4.81 -2.36
CA TYR C 287 -28.77 -6.09 -1.69
C TYR C 287 -30.07 -6.62 -1.11
N ALA C 288 -30.85 -5.73 -0.49
CA ALA C 288 -32.14 -6.11 0.05
C ALA C 288 -33.08 -6.59 -1.06
N LYS C 289 -33.06 -5.90 -2.19
CA LYS C 289 -33.93 -6.25 -3.30
C LYS C 289 -33.55 -7.61 -3.89
N ALA C 290 -32.26 -7.91 -3.88
CA ALA C 290 -31.78 -9.19 -4.38
C ALA C 290 -32.29 -10.33 -3.51
N GLU C 291 -32.45 -10.06 -2.22
CA GLU C 291 -32.93 -11.06 -1.28
C GLU C 291 -34.44 -11.24 -1.37
N ALA C 292 -35.13 -10.14 -1.71
CA ALA C 292 -36.57 -10.20 -1.93
C ALA C 292 -36.85 -11.03 -3.18
N LEU C 293 -36.06 -10.80 -4.23
CA LEU C 293 -36.16 -11.57 -5.45
C LEU C 293 -35.72 -13.01 -5.22
N CYS C 294 -34.94 -13.22 -4.17
CA CYS C 294 -34.42 -14.53 -3.83
C CYS C 294 -35.49 -15.40 -3.17
N LYS C 295 -36.32 -14.79 -2.32
CA LYS C 295 -37.45 -15.49 -1.73
C LYS C 295 -38.49 -15.77 -2.80
N GLU C 296 -38.69 -14.79 -3.69
CA GLU C 296 -39.65 -14.95 -4.78
C GLU C 296 -39.24 -16.09 -5.71
N TYR C 297 -37.94 -16.27 -5.89
CA TYR C 297 -37.42 -17.32 -6.75
C TYR C 297 -37.97 -18.67 -6.31
N GLY C 298 -37.78 -19.00 -5.04
CA GLY C 298 -38.30 -20.23 -4.47
C GLY C 298 -39.82 -20.36 -4.58
N GLU C 299 -40.51 -19.22 -4.48
CA GLU C 299 -41.96 -19.20 -4.61
C GLU C 299 -42.41 -19.51 -6.03
N THR C 300 -41.58 -19.13 -7.01
CA THR C 300 -41.97 -19.20 -8.41
C THR C 300 -41.89 -20.60 -9.01
N LYS C 301 -43.04 -21.14 -9.40
CA LYS C 301 -43.11 -22.45 -10.04
C LYS C 301 -42.52 -22.42 -11.44
N GLY C 302 -41.59 -23.34 -11.70
CA GLY C 302 -40.93 -23.41 -12.99
C GLY C 302 -39.85 -24.48 -13.01
N PRO C 303 -39.29 -24.74 -14.19
CA PRO C 303 -38.17 -25.69 -14.34
C PRO C 303 -37.06 -25.34 -13.35
N GLY C 304 -36.93 -26.10 -12.27
CA GLY C 304 -36.07 -25.70 -11.17
C GLY C 304 -34.98 -26.67 -10.73
N PRO C 305 -33.87 -26.12 -10.23
CA PRO C 305 -32.68 -26.83 -9.74
C PRO C 305 -32.86 -27.33 -8.31
N THR C 306 -31.83 -28.00 -7.81
CA THR C 306 -31.90 -28.70 -6.52
C THR C 306 -31.73 -27.78 -5.32
N VAL C 307 -30.78 -26.85 -5.40
CA VAL C 307 -30.47 -25.97 -4.28
C VAL C 307 -31.10 -24.59 -4.40
N LYS C 308 -31.47 -24.02 -3.26
CA LYS C 308 -32.09 -22.69 -3.23
C LYS C 308 -31.10 -21.64 -2.72
N PRO C 309 -31.28 -20.38 -3.16
CA PRO C 309 -30.30 -19.31 -2.99
C PRO C 309 -30.33 -18.58 -1.63
N SER C 310 -31.50 -18.21 -1.14
CA SER C 310 -31.59 -17.48 0.13
C SER C 310 -30.77 -18.15 1.23
N GLY C 311 -29.77 -17.43 1.74
CA GLY C 311 -28.93 -17.96 2.79
C GLY C 311 -27.65 -18.58 2.25
N HIS C 312 -27.63 -18.83 0.93
CA HIS C 312 -26.43 -19.35 0.29
C HIS C 312 -25.25 -18.48 0.69
N LEU C 313 -24.14 -19.10 1.07
CA LEU C 313 -22.98 -18.35 1.53
C LEU C 313 -22.61 -17.26 0.54
N PHE C 314 -22.60 -17.59 -0.75
CA PHE C 314 -22.32 -16.62 -1.81
C PHE C 314 -23.14 -15.35 -1.65
N PHE C 315 -24.36 -15.51 -1.13
CA PHE C 315 -25.27 -14.39 -0.93
C PHE C 315 -24.93 -13.61 0.34
N ARG C 316 -24.32 -14.29 1.30
CA ARG C 316 -23.97 -13.70 2.59
C ARG C 316 -22.73 -12.82 2.49
N LYS C 317 -21.82 -13.20 1.60
CA LYS C 317 -20.55 -12.48 1.48
C LYS C 317 -20.74 -11.03 1.02
N LEU C 318 -21.67 -10.80 0.11
CA LEU C 318 -21.96 -9.45 -0.35
C LEU C 318 -22.53 -8.62 0.79
N GLY C 319 -23.57 -9.13 1.43
CA GLY C 319 -24.20 -8.43 2.55
C GLY C 319 -23.20 -8.04 3.62
N ASN C 320 -22.26 -8.94 3.87
CA ASN C 320 -21.21 -8.69 4.84
C ASN C 320 -20.30 -7.56 4.37
N LEU C 321 -19.83 -7.66 3.13
CA LEU C 321 -18.96 -6.66 2.54
C LEU C 321 -19.59 -5.28 2.48
N VAL C 322 -20.90 -5.24 2.18
CA VAL C 322 -21.63 -3.98 2.14
C VAL C 322 -21.74 -3.38 3.54
N LYS C 323 -22.00 -4.23 4.52
CA LYS C 323 -22.10 -3.79 5.91
C LYS C 323 -20.80 -3.15 6.34
N ASN C 324 -19.71 -3.90 6.26
CA ASN C 324 -18.42 -3.39 6.70
C ASN C 324 -18.00 -2.11 5.98
N THR C 325 -18.14 -2.11 4.65
CA THR C 325 -17.74 -0.97 3.83
C THR C 325 -18.55 0.30 4.14
N LEU C 326 -19.83 0.14 4.43
CA LEU C 326 -20.65 1.28 4.83
C LEU C 326 -20.20 1.78 6.20
N GLU C 327 -19.90 0.85 7.09
CA GLU C 327 -19.40 1.20 8.43
C GLU C 327 -18.12 2.02 8.32
N LYS C 328 -17.22 1.57 7.44
CA LYS C 328 -15.98 2.28 7.19
C LYS C 328 -16.25 3.71 6.74
N CYS C 329 -17.10 3.85 5.71
CA CYS C 329 -17.45 5.17 5.21
C CYS C 329 -18.10 6.05 6.28
N GLN C 330 -18.94 5.44 7.11
CA GLN C 330 -19.61 6.17 8.18
C GLN C 330 -18.60 6.59 9.25
N ARG C 331 -17.70 5.67 9.58
CA ARG C 331 -16.63 5.94 10.52
C ARG C 331 -15.74 7.06 9.98
N GLU C 332 -15.34 6.94 8.72
CA GLU C 332 -14.53 7.97 8.08
C GLU C 332 -15.22 9.34 8.14
N ASN C 333 -16.51 9.35 7.83
CA ASN C 333 -17.26 10.60 7.77
C ASN C 333 -17.51 11.19 9.16
N GLY C 334 -17.55 10.32 10.17
CA GLY C 334 -17.84 10.74 11.53
C GLY C 334 -16.63 11.25 12.28
N PHE C 335 -15.44 10.91 11.80
CA PHE C 335 -14.21 11.27 12.47
C PHE C 335 -13.35 12.26 11.65
N ILE C 336 -13.47 12.23 10.33
CA ILE C 336 -12.59 13.02 9.48
C ILE C 336 -13.29 13.95 8.48
N TYR C 337 -14.09 13.37 7.58
CA TYR C 337 -14.58 14.11 6.43
C TYR C 337 -15.71 15.11 6.71
N PHE C 338 -16.69 14.69 7.51
CA PHE C 338 -17.83 15.54 7.84
C PHE C 338 -18.49 16.13 6.59
N GLN C 339 -18.80 15.27 5.63
CA GLN C 339 -19.44 15.71 4.40
C GLN C 339 -20.91 15.36 4.41
N LYS C 340 -21.69 16.08 3.60
CA LYS C 340 -23.09 15.77 3.41
C LYS C 340 -23.28 14.53 2.54
N ILE C 341 -24.40 13.84 2.72
CA ILE C 341 -24.72 12.67 1.93
C ILE C 341 -25.75 13.03 0.88
N PRO C 342 -25.37 12.96 -0.40
CA PRO C 342 -26.27 13.35 -1.49
C PRO C 342 -27.60 12.63 -1.39
N THR C 343 -28.64 13.24 -1.96
CA THR C 343 -29.98 12.66 -1.94
C THR C 343 -30.04 11.49 -2.91
N GLU C 344 -29.49 11.70 -4.10
CA GLU C 344 -29.57 10.71 -5.16
C GLU C 344 -28.36 9.80 -5.21
N ALA C 345 -28.62 8.53 -5.54
CA ALA C 345 -27.55 7.58 -5.79
C ALA C 345 -26.80 7.97 -7.04
N PRO C 346 -25.50 7.66 -7.09
CA PRO C 346 -24.69 8.03 -8.26
C PRO C 346 -25.08 7.25 -9.52
N GLN C 347 -24.89 7.87 -10.68
CA GLN C 347 -25.01 7.17 -11.95
C GLN C 347 -23.76 6.33 -12.17
N LEU C 348 -23.92 5.03 -12.38
CA LEU C 348 -22.76 4.20 -12.67
C LEU C 348 -22.46 4.23 -14.16
N GLU C 349 -21.35 4.88 -14.52
CA GLU C 349 -20.87 4.90 -15.89
C GLU C 349 -19.43 4.41 -15.94
N LEU C 350 -19.26 3.11 -15.71
CA LEU C 350 -17.95 2.50 -15.55
C LEU C 350 -17.48 1.75 -16.81
N LYS C 351 -16.17 1.72 -17.02
CA LYS C 351 -15.59 1.00 -18.14
C LYS C 351 -14.62 -0.06 -17.63
N ALA C 352 -14.92 -1.32 -17.89
CA ALA C 352 -14.01 -2.40 -17.53
C ALA C 352 -12.95 -2.56 -18.61
N ASN C 353 -11.76 -2.09 -18.32
CA ASN C 353 -10.67 -2.09 -19.30
C ASN C 353 -10.06 -3.48 -19.49
N TYR C 354 -10.26 -4.34 -18.49
CA TYR C 354 -9.75 -5.70 -18.56
C TYR C 354 -10.72 -6.64 -17.87
N GLY C 355 -10.72 -7.90 -18.28
CA GLY C 355 -11.53 -8.92 -17.64
C GLY C 355 -12.89 -9.18 -18.26
N LEU C 356 -13.27 -8.41 -19.27
CA LEU C 356 -14.53 -8.65 -19.96
C LEU C 356 -14.45 -9.97 -20.72
N VAL C 357 -15.41 -10.86 -20.45
CA VAL C 357 -15.39 -12.20 -21.00
C VAL C 357 -15.93 -12.23 -22.43
N GLU C 358 -15.22 -12.95 -23.30
CA GLU C 358 -15.71 -13.25 -24.63
C GLU C 358 -15.81 -14.76 -24.78
N PRO C 359 -16.80 -15.23 -25.54
CA PRO C 359 -16.95 -16.68 -25.75
C PRO C 359 -15.75 -17.25 -26.50
N ILE C 360 -15.41 -18.49 -26.19
CA ILE C 360 -14.42 -19.21 -26.96
C ILE C 360 -15.08 -19.72 -28.23
N PRO C 361 -14.62 -19.24 -29.39
CA PRO C 361 -15.20 -19.62 -30.68
C PRO C 361 -15.29 -21.14 -30.82
N PHE C 362 -16.41 -21.62 -31.32
CA PHE C 362 -16.61 -23.04 -31.53
C PHE C 362 -16.89 -23.37 -33.00
N GLU C 363 -16.26 -24.44 -33.47
CA GLU C 363 -16.59 -25.01 -34.77
C GLU C 363 -16.84 -26.50 -34.59
N PHE C 364 -17.71 -27.06 -35.42
CA PHE C 364 -17.87 -28.49 -35.42
C PHE C 364 -16.64 -29.13 -36.08
N PRO C 365 -16.29 -30.35 -35.67
CA PRO C 365 -15.16 -31.06 -36.27
C PRO C 365 -15.41 -31.36 -37.74
N PRO C 366 -14.33 -31.54 -38.52
CA PRO C 366 -14.46 -31.87 -39.93
C PRO C 366 -15.24 -33.16 -40.12
N THR C 367 -15.97 -33.29 -41.22
CA THR C 367 -16.71 -34.51 -41.54
C THR C 367 -15.80 -35.73 -41.42
N SER C 368 -16.31 -36.78 -40.79
CA SER C 368 -15.53 -38.00 -40.56
C SER C 368 -14.86 -38.52 -41.83
N VAL C 369 -13.68 -39.12 -41.67
CA VAL C 369 -12.97 -39.68 -42.82
C VAL C 369 -13.73 -40.86 -43.41
N GLN C 370 -14.54 -41.53 -42.61
CA GLN C 370 -15.33 -42.67 -43.06
C GLN C 370 -16.25 -42.31 -44.23
N TRP C 371 -16.64 -41.05 -44.30
CA TRP C 371 -17.52 -40.60 -45.36
C TRP C 371 -16.76 -40.38 -46.67
N THR C 372 -16.91 -41.32 -47.60
CA THR C 372 -16.33 -41.19 -48.92
C THR C 372 -17.46 -41.26 -49.93
N PRO C 373 -17.21 -40.81 -51.17
CA PRO C 373 -18.21 -40.97 -52.24
C PRO C 373 -18.69 -42.41 -52.32
N GLU C 374 -17.76 -43.36 -52.22
CA GLU C 374 -18.08 -44.77 -52.27
C GLU C 374 -19.08 -45.14 -51.18
N THR C 375 -18.77 -44.75 -49.95
CA THR C 375 -19.65 -45.07 -48.83
C THR C 375 -21.00 -44.34 -48.96
N LEU C 376 -20.95 -43.10 -49.43
CA LEU C 376 -22.17 -42.33 -49.66
C LEU C 376 -23.03 -42.97 -50.76
N ALA C 377 -22.37 -43.53 -51.78
CA ALA C 377 -23.09 -44.20 -52.86
C ALA C 377 -23.75 -45.49 -52.36
N ALA C 378 -23.17 -46.08 -51.33
CA ALA C 378 -23.69 -47.33 -50.78
C ALA C 378 -25.03 -47.12 -50.08
N PHE C 379 -25.49 -45.87 -50.04
CA PHE C 379 -26.79 -45.52 -49.46
C PHE C 379 -27.80 -45.37 -50.60
N ASP C 380 -28.70 -46.35 -50.75
CA ASP C 380 -29.72 -46.30 -51.79
C ASP C 380 -31.03 -45.78 -51.21
N LEU C 381 -31.33 -44.50 -51.47
CA LEU C 381 -32.53 -43.87 -50.93
C LEU C 381 -33.80 -44.29 -51.66
N THR C 382 -33.65 -44.81 -52.87
CA THR C 382 -34.77 -45.35 -53.64
C THR C 382 -35.66 -46.20 -52.75
N LYS C 383 -35.07 -46.72 -51.67
CA LYS C 383 -35.81 -47.49 -50.67
C LYS C 383 -35.84 -46.77 -49.32
N GLU C 396 -39.88 -44.84 -30.78
CA GLU C 396 -39.52 -43.43 -30.78
C GLU C 396 -40.06 -42.72 -29.55
N GLU C 397 -39.76 -43.27 -28.37
CA GLU C 397 -40.17 -42.65 -27.11
C GLU C 397 -39.01 -41.89 -26.48
N VAL C 398 -39.22 -40.60 -26.25
CA VAL C 398 -38.20 -39.77 -25.60
C VAL C 398 -37.82 -40.35 -24.24
N LYS C 399 -36.57 -40.74 -24.09
CA LYS C 399 -36.07 -41.24 -22.81
C LYS C 399 -35.68 -40.08 -21.88
N PRO C 400 -36.52 -39.80 -20.87
CA PRO C 400 -36.33 -38.66 -19.97
C PRO C 400 -34.99 -38.69 -19.24
N VAL C 401 -34.30 -37.56 -19.21
CA VAL C 401 -33.03 -37.46 -18.51
C VAL C 401 -33.24 -37.25 -17.01
N LYS C 402 -32.50 -37.99 -16.20
CA LYS C 402 -32.60 -37.86 -14.75
C LYS C 402 -31.24 -37.51 -14.15
N GLU C 403 -31.05 -36.24 -13.78
CA GLU C 403 -29.78 -35.76 -13.25
C GLU C 403 -29.91 -35.36 -11.78
#